data_3QSU
#
_entry.id   3QSU
#
_cell.length_a   156.397
_cell.length_b   156.397
_cell.length_c   34.646
_cell.angle_alpha   90.00
_cell.angle_beta   90.00
_cell.angle_gamma   120.00
#
_symmetry.space_group_name_H-M   'P 3'
#
loop_
_entity.id
_entity.type
_entity.pdbx_description
1 polymer 'RNA chaperone Hfq'
2 polymer "RNA (5'-R(P*AP*AP*AP*AP*AP*AP*A)-3')"
3 non-polymer 'ZINC ION'
4 water water
#
loop_
_entity_poly.entity_id
_entity_poly.type
_entity_poly.pdbx_seq_one_letter_code
_entity_poly.pdbx_strand_id
1 'polypeptide(L)' MIANENIQDKALENFKANQTEVTVFFLNGFQMKGVIEEYDKYVVSLNSQGKQHLIYKHAISTYTVETEGQASTESEE A,B,H,I,K,M,C,D,E,F,G,J,N,S
2 'polyribonucleotide' AAAAAAA R,P
#
# COMPACT_ATOMS: atom_id res chain seq x y z
N ASN A 6 18.24 33.12 -15.75
CA ASN A 6 17.83 32.94 -14.36
C ASN A 6 16.57 33.76 -14.06
N ILE A 7 15.48 33.06 -13.81
CA ILE A 7 14.17 33.67 -13.68
C ILE A 7 14.14 34.65 -12.51
N GLN A 8 14.80 34.26 -11.42
CA GLN A 8 14.85 35.12 -10.24
C GLN A 8 15.53 36.44 -10.54
N ASP A 9 16.78 36.37 -10.98
CA ASP A 9 17.57 37.55 -11.31
C ASP A 9 16.85 38.45 -12.31
N LYS A 10 16.30 37.83 -13.37
CA LYS A 10 15.54 38.57 -14.37
C LYS A 10 14.43 39.42 -13.73
N ALA A 11 13.67 38.81 -12.84
CA ALA A 11 12.54 39.53 -12.25
C ALA A 11 13.01 40.62 -11.30
N LEU A 12 14.07 40.34 -10.54
CA LEU A 12 14.59 41.31 -9.59
C LEU A 12 15.22 42.48 -10.35
N GLU A 13 16.03 42.14 -11.36
CA GLU A 13 16.55 43.11 -12.33
C GLU A 13 15.47 44.07 -12.82
N ASN A 14 14.31 43.52 -13.15
CA ASN A 14 13.21 44.30 -13.72
C ASN A 14 12.42 45.14 -12.72
N PHE A 15 12.16 44.57 -11.53
CA PHE A 15 11.55 45.33 -10.44
C PHE A 15 12.41 46.55 -10.09
N LYS A 16 13.72 46.33 -10.10
CA LYS A 16 14.67 47.37 -9.72
C LYS A 16 14.72 48.49 -10.77
N ALA A 17 14.87 48.10 -12.03
CA ALA A 17 14.95 49.07 -13.13
C ALA A 17 13.73 49.98 -13.19
N ASN A 18 12.57 49.42 -12.92
CA ASN A 18 11.32 50.17 -13.04
C ASN A 18 10.85 50.71 -11.70
N GLN A 19 11.68 50.55 -10.68
CA GLN A 19 11.37 51.06 -9.35
C GLN A 19 9.93 50.74 -8.98
N THR A 20 9.50 49.51 -9.27
CA THR A 20 8.13 49.14 -9.02
C THR A 20 7.86 48.78 -7.55
N GLU A 21 6.66 49.09 -7.08
CA GLU A 21 6.25 48.84 -5.71
C GLU A 21 5.87 47.36 -5.56
N VAL A 22 6.76 46.59 -4.94
CA VAL A 22 6.59 45.15 -4.87
C VAL A 22 6.14 44.71 -3.47
N THR A 23 5.26 43.72 -3.43
CA THR A 23 4.84 43.14 -2.16
C THR A 23 5.62 41.87 -1.88
N VAL A 24 6.27 41.86 -0.73
CA VAL A 24 7.11 40.74 -0.33
C VAL A 24 6.51 40.01 0.86
N PHE A 25 6.16 38.74 0.64
CA PHE A 25 5.66 37.87 1.70
C PHE A 25 6.79 37.08 2.32
N PHE A 26 6.78 36.99 3.63
CA PHE A 26 7.80 36.24 4.34
C PHE A 26 7.26 34.86 4.66
N LEU A 27 8.16 33.92 4.89
CA LEU A 27 7.80 32.61 5.39
C LEU A 27 6.77 32.71 6.51
N ASN A 28 7.05 33.53 7.51
CA ASN A 28 6.18 33.60 8.68
C ASN A 28 4.86 34.29 8.40
N GLY A 29 4.62 34.67 7.16
CA GLY A 29 3.37 35.33 6.80
C GLY A 29 3.38 36.85 6.90
N PHE A 30 4.42 37.43 7.49
CA PHE A 30 4.54 38.90 7.46
C PHE A 30 4.58 39.37 5.99
N GLN A 31 4.11 40.59 5.73
CA GLN A 31 4.19 41.13 4.38
C GLN A 31 4.56 42.61 4.40
N MET A 32 5.46 42.98 3.50
CA MET A 32 6.00 44.32 3.42
C MET A 32 5.95 44.80 1.99
N LYS A 33 5.52 46.04 1.79
CA LYS A 33 5.39 46.66 0.47
C LYS A 33 6.53 47.65 0.24
N GLY A 34 7.18 47.61 -0.92
CA GLY A 34 8.29 48.51 -1.17
C GLY A 34 8.96 48.35 -2.53
N VAL A 35 10.07 49.06 -2.73
CA VAL A 35 10.77 49.00 -3.99
C VAL A 35 12.13 48.34 -3.84
N ILE A 36 12.51 47.50 -4.79
CA ILE A 36 13.83 46.89 -4.77
C ILE A 36 14.89 47.90 -5.19
N GLU A 37 15.90 48.06 -4.35
CA GLU A 37 16.98 48.98 -4.66
C GLU A 37 18.20 48.19 -5.08
N GLU A 38 18.35 47.01 -4.49
CA GLU A 38 19.60 46.26 -4.60
C GLU A 38 19.32 44.81 -4.23
N TYR A 39 20.15 43.89 -4.72
CA TYR A 39 19.99 42.47 -4.41
C TYR A 39 21.25 41.69 -4.76
N ASP A 40 21.48 40.59 -4.06
CA ASP A 40 22.60 39.72 -4.41
C ASP A 40 22.19 38.27 -4.26
N LYS A 41 23.16 37.36 -4.30
CA LYS A 41 22.87 35.93 -4.26
C LYS A 41 22.24 35.50 -2.94
N TYR A 42 22.16 36.42 -1.98
CA TYR A 42 21.75 36.08 -0.63
C TYR A 42 20.74 37.05 -0.02
N VAL A 43 20.79 38.32 -0.44
CA VAL A 43 19.95 39.34 0.18
C VAL A 43 19.21 40.21 -0.82
N VAL A 44 18.12 40.80 -0.36
CA VAL A 44 17.38 41.80 -1.10
C VAL A 44 17.35 43.07 -0.26
N SER A 45 17.60 44.21 -0.91
CA SER A 45 17.45 45.47 -0.22
C SER A 45 16.15 46.11 -0.67
N LEU A 46 15.27 46.34 0.30
CA LEU A 46 13.95 46.88 0.00
C LEU A 46 13.71 48.19 0.75
N ASN A 47 13.44 49.24 0.00
CA ASN A 47 13.11 50.52 0.59
C ASN A 47 11.61 50.58 0.81
N SER A 48 11.21 50.67 2.07
CA SER A 48 9.80 50.73 2.41
C SER A 48 9.53 51.92 3.32
N GLN A 49 8.54 52.73 2.95
CA GLN A 49 8.28 53.96 3.67
C GLN A 49 9.60 54.67 3.93
N GLY A 50 10.39 54.86 2.88
CA GLY A 50 11.65 55.58 2.98
C GLY A 50 12.80 54.81 3.60
N LYS A 51 12.49 53.87 4.51
CA LYS A 51 13.51 53.15 5.26
C LYS A 51 14.01 51.88 4.58
N GLN A 52 15.33 51.67 4.58
CA GLN A 52 15.89 50.49 3.94
C GLN A 52 15.79 49.25 4.85
N HIS A 53 15.44 48.12 4.24
CA HIS A 53 15.38 46.83 4.91
C HIS A 53 16.24 45.84 4.16
N LEU A 54 17.28 45.33 4.78
CA LEU A 54 18.02 44.26 4.15
C LEU A 54 17.41 42.90 4.53
N ILE A 55 16.87 42.20 3.54
CA ILE A 55 16.15 40.94 3.76
C ILE A 55 16.91 39.74 3.19
N TYR A 56 17.04 38.68 3.99
CA TYR A 56 17.62 37.44 3.52
C TYR A 56 16.62 36.69 2.65
N LYS A 57 17.09 36.10 1.57
CA LYS A 57 16.20 35.38 0.67
C LYS A 57 15.58 34.16 1.36
N HIS A 58 16.33 33.53 2.27
CA HIS A 58 15.81 32.39 2.99
C HIS A 58 14.56 32.74 3.79
N ALA A 59 14.33 34.03 4.02
CA ALA A 59 13.17 34.45 4.81
C ALA A 59 11.97 34.82 3.95
N ILE A 60 12.20 34.86 2.64
CA ILE A 60 11.18 35.31 1.70
C ILE A 60 10.37 34.12 1.15
N SER A 61 9.06 34.31 1.08
CA SER A 61 8.17 33.37 0.42
C SER A 61 7.91 33.75 -1.05
N THR A 62 7.32 34.93 -1.25
CA THR A 62 6.78 35.32 -2.54
C THR A 62 6.92 36.81 -2.82
N TYR A 63 7.28 37.16 -4.06
CA TYR A 63 7.19 38.53 -4.57
C TYR A 63 5.97 38.62 -5.49
N THR A 64 5.11 39.62 -5.29
CA THR A 64 4.04 39.87 -6.23
C THR A 64 3.87 41.38 -6.45
N VAL A 65 3.08 41.76 -7.46
CA VAL A 65 2.89 43.17 -7.75
C VAL A 65 1.40 43.53 -7.88
N ASN B 6 14.01 12.39 -13.26
CA ASN B 6 13.78 13.61 -12.50
C ASN B 6 12.30 13.93 -12.39
N ILE B 7 11.74 13.61 -11.23
CA ILE B 7 10.31 13.78 -11.00
C ILE B 7 9.88 15.23 -10.89
N GLN B 8 10.65 16.05 -10.18
CA GLN B 8 10.30 17.45 -9.98
C GLN B 8 10.15 18.21 -11.30
N ASP B 9 11.15 18.06 -12.17
CA ASP B 9 11.13 18.79 -13.43
C ASP B 9 10.09 18.25 -14.40
N LYS B 10 9.95 16.93 -14.49
CA LYS B 10 8.96 16.39 -15.41
C LYS B 10 7.58 16.82 -14.94
N ALA B 11 7.40 16.93 -13.63
CA ALA B 11 6.13 17.38 -13.06
C ALA B 11 5.81 18.85 -13.35
N LEU B 12 6.77 19.74 -13.06
CA LEU B 12 6.58 21.16 -13.32
C LEU B 12 6.44 21.37 -14.82
N GLU B 13 7.28 20.70 -15.60
CA GLU B 13 7.19 20.80 -17.05
C GLU B 13 5.78 20.46 -17.50
N ASN B 14 5.22 19.41 -16.92
CA ASN B 14 3.90 18.95 -17.32
C ASN B 14 2.80 19.93 -16.86
N PHE B 15 2.95 20.49 -15.67
CA PHE B 15 2.01 21.50 -15.21
C PHE B 15 2.07 22.69 -16.15
N LYS B 16 3.27 23.01 -16.59
CA LYS B 16 3.47 24.22 -17.39
C LYS B 16 2.92 24.03 -18.79
N ALA B 17 3.24 22.89 -19.42
CA ALA B 17 2.83 22.63 -20.79
C ALA B 17 1.32 22.46 -20.93
N ASN B 18 0.68 21.92 -19.91
CA ASN B 18 -0.75 21.66 -19.96
C ASN B 18 -1.55 22.75 -19.27
N GLN B 19 -0.85 23.65 -18.59
CA GLN B 19 -1.50 24.76 -17.92
C GLN B 19 -2.48 24.31 -16.84
N THR B 20 -2.16 23.23 -16.15
CA THR B 20 -3.08 22.70 -15.17
C THR B 20 -3.22 23.60 -13.93
N GLU B 21 -4.43 23.62 -13.36
CA GLU B 21 -4.71 24.42 -12.19
C GLU B 21 -4.08 23.70 -11.02
N VAL B 22 -3.03 24.28 -10.46
CA VAL B 22 -2.36 23.66 -9.34
C VAL B 22 -2.77 24.35 -8.06
N THR B 23 -2.82 23.61 -6.97
CA THR B 23 -2.88 24.24 -5.66
C THR B 23 -1.48 24.15 -5.09
N VAL B 24 -0.94 25.28 -4.64
CA VAL B 24 0.37 25.31 -3.98
C VAL B 24 0.19 25.53 -2.49
N PHE B 25 0.71 24.61 -1.69
CA PHE B 25 0.69 24.78 -0.24
C PHE B 25 2.04 25.27 0.26
N PHE B 26 2.00 26.28 1.12
CA PHE B 26 3.22 26.89 1.66
C PHE B 26 3.56 26.32 3.04
N LEU B 27 4.84 26.41 3.39
CA LEU B 27 5.31 25.95 4.70
C LEU B 27 4.44 26.43 5.84
N ASN B 28 4.06 27.70 5.80
CA ASN B 28 3.34 28.30 6.93
C ASN B 28 1.85 27.99 6.92
N GLY B 29 1.43 27.09 6.04
CA GLY B 29 0.04 26.70 5.96
C GLY B 29 -0.75 27.37 4.85
N PHE B 30 -0.22 28.45 4.28
CA PHE B 30 -0.96 29.19 3.27
C PHE B 30 -1.11 28.38 1.97
N GLN B 31 -2.21 28.61 1.25
CA GLN B 31 -2.39 27.96 -0.02
C GLN B 31 -2.89 28.92 -1.10
N MET B 32 -2.65 28.56 -2.34
CA MET B 32 -2.95 29.45 -3.45
C MET B 32 -3.11 28.61 -4.71
N LYS B 33 -4.10 28.94 -5.54
CA LYS B 33 -4.38 28.15 -6.71
C LYS B 33 -4.09 28.95 -7.97
N GLY B 34 -3.47 28.32 -8.96
CA GLY B 34 -3.13 29.03 -10.18
C GLY B 34 -2.44 28.15 -11.19
N VAL B 35 -1.72 28.77 -12.11
CA VAL B 35 -1.03 28.03 -13.16
C VAL B 35 0.46 28.34 -13.14
N ILE B 36 1.28 27.32 -13.30
CA ILE B 36 2.74 27.51 -13.35
C ILE B 36 3.16 27.99 -14.74
N GLU B 37 3.75 29.18 -14.84
CA GLU B 37 4.10 29.75 -16.15
C GLU B 37 5.53 29.44 -16.56
N GLU B 38 6.43 29.44 -15.61
CA GLU B 38 7.82 29.10 -15.85
C GLU B 38 8.40 28.80 -14.48
N TYR B 39 9.59 28.21 -14.46
CA TYR B 39 10.24 27.85 -13.22
C TYR B 39 11.72 27.65 -13.52
N ASP B 40 12.56 27.84 -12.52
CA ASP B 40 13.94 27.40 -12.61
C ASP B 40 14.31 26.68 -11.31
N LYS B 41 15.59 26.61 -11.01
CA LYS B 41 16.06 25.81 -9.90
C LYS B 41 15.53 26.30 -8.56
N TYR B 42 15.42 27.62 -8.39
CA TYR B 42 15.07 28.19 -7.10
C TYR B 42 13.65 28.73 -7.01
N VAL B 43 13.05 29.09 -8.13
CA VAL B 43 11.74 29.75 -8.06
C VAL B 43 10.70 29.18 -9.00
N VAL B 44 9.46 29.49 -8.68
CA VAL B 44 8.34 29.12 -9.52
C VAL B 44 7.49 30.34 -9.73
N SER B 45 7.08 30.56 -10.97
CA SER B 45 6.25 31.70 -11.31
C SER B 45 4.83 31.22 -11.47
N LEU B 46 3.96 31.59 -10.54
CA LEU B 46 2.59 31.11 -10.57
C LEU B 46 1.64 32.25 -10.90
N ASN B 47 0.80 32.02 -11.89
CA ASN B 47 -0.24 32.95 -12.27
C ASN B 47 -1.53 32.59 -11.53
N SER B 48 -1.93 33.44 -10.59
CA SER B 48 -3.07 33.15 -9.73
C SER B 48 -3.97 34.36 -9.70
N GLN B 49 -5.28 34.14 -9.81
CA GLN B 49 -6.20 35.26 -9.98
C GLN B 49 -5.66 36.17 -11.07
N GLY B 50 -5.16 35.58 -12.15
CA GLY B 50 -4.64 36.35 -13.26
C GLY B 50 -3.40 37.18 -12.97
N LYS B 51 -2.91 37.10 -11.73
CA LYS B 51 -1.76 37.90 -11.29
C LYS B 51 -0.50 37.06 -11.03
N GLN B 52 0.66 37.62 -11.38
CA GLN B 52 1.95 36.93 -11.27
C GLN B 52 2.49 36.87 -9.82
N HIS B 53 3.05 35.71 -9.47
CA HIS B 53 3.67 35.51 -8.15
C HIS B 53 4.99 34.78 -8.33
N LEU B 54 6.04 35.38 -7.84
CA LEU B 54 7.35 34.75 -7.91
C LEU B 54 7.60 34.05 -6.56
N ILE B 55 7.57 32.73 -6.57
CA ILE B 55 7.60 31.95 -5.35
C ILE B 55 8.92 31.22 -5.21
N TYR B 56 9.56 31.32 -4.04
CA TYR B 56 10.74 30.49 -3.73
C TYR B 56 10.39 29.05 -3.41
N LYS B 57 11.08 28.10 -4.04
CA LYS B 57 10.83 26.70 -3.72
C LYS B 57 10.98 26.42 -2.21
N HIS B 58 11.87 27.14 -1.51
CA HIS B 58 12.05 26.90 -0.10
C HIS B 58 10.80 27.26 0.69
N ALA B 59 9.92 28.06 0.10
CA ALA B 59 8.69 28.40 0.79
C ALA B 59 7.57 27.37 0.55
N ILE B 60 7.76 26.45 -0.38
CA ILE B 60 6.68 25.55 -0.82
C ILE B 60 6.70 24.20 -0.09
N SER B 61 5.53 23.73 0.37
CA SER B 61 5.37 22.34 0.85
C SER B 61 4.99 21.35 -0.24
N THR B 62 3.85 21.63 -0.88
CA THR B 62 3.22 20.67 -1.76
C THR B 62 2.58 21.35 -2.96
N TYR B 63 2.64 20.66 -4.09
CA TYR B 63 1.78 21.01 -5.20
C TYR B 63 0.69 19.95 -5.28
N THR B 64 -0.57 20.39 -5.35
CA THR B 64 -1.68 19.46 -5.43
C THR B 64 -2.54 19.70 -6.68
N VAL B 65 -3.07 18.63 -7.25
CA VAL B 65 -4.00 18.72 -8.37
C VAL B 65 -5.07 17.65 -8.27
N GLU B 66 -6.26 17.97 -8.78
CA GLU B 66 -7.32 16.98 -9.03
C GLU B 66 -8.58 17.63 -9.59
N ASN C 6 29.53 42.60 -2.34
CA ASN C 6 28.54 41.76 -1.67
C ASN C 6 27.70 42.60 -0.72
N ILE C 7 26.43 42.76 -1.06
CA ILE C 7 25.54 43.63 -0.31
C ILE C 7 25.57 43.36 1.18
N GLN C 8 25.33 42.11 1.53
CA GLN C 8 25.29 41.72 2.93
C GLN C 8 26.56 42.17 3.63
N ASP C 9 27.70 41.79 3.07
CA ASP C 9 28.97 42.01 3.72
C ASP C 9 29.31 43.50 3.83
N LYS C 10 28.89 44.29 2.83
CA LYS C 10 29.10 45.73 2.89
C LYS C 10 28.21 46.42 3.92
N ALA C 11 26.96 45.96 4.03
CA ALA C 11 26.05 46.54 5.01
C ALA C 11 26.49 46.24 6.46
N LEU C 12 26.93 45.02 6.71
CA LEU C 12 27.37 44.65 8.06
C LEU C 12 28.67 45.36 8.46
N GLU C 13 29.60 45.47 7.52
CA GLU C 13 30.83 46.23 7.76
C GLU C 13 30.46 47.64 8.20
N ASN C 14 29.52 48.24 7.48
CA ASN C 14 29.04 49.57 7.82
C ASN C 14 28.36 49.66 9.18
N PHE C 15 27.42 48.76 9.44
CA PHE C 15 26.74 48.74 10.74
C PHE C 15 27.77 48.69 11.84
N LYS C 16 28.81 47.89 11.60
CA LYS C 16 29.82 47.65 12.60
C LYS C 16 30.72 48.89 12.79
N ALA C 17 31.26 49.40 11.69
CA ALA C 17 32.17 50.55 11.75
C ALA C 17 31.55 51.74 12.49
N ASN C 18 30.29 52.00 12.21
CA ASN C 18 29.60 53.17 12.74
C ASN C 18 28.85 52.93 14.04
N GLN C 19 28.93 51.71 14.56
CA GLN C 19 28.27 51.36 15.81
C GLN C 19 26.77 51.67 15.82
N THR C 20 26.11 51.46 14.69
CA THR C 20 24.70 51.80 14.60
C THR C 20 23.79 50.85 15.41
N GLU C 21 22.66 51.37 15.85
CA GLU C 21 21.73 50.58 16.62
C GLU C 21 20.80 49.88 15.62
N VAL C 22 21.25 48.72 15.15
CA VAL C 22 20.48 47.92 14.20
C VAL C 22 19.38 47.16 14.91
N THR C 23 18.22 47.09 14.27
CA THR C 23 17.16 46.19 14.68
C THR C 23 17.23 44.93 13.83
N VAL C 24 17.25 43.76 14.46
CA VAL C 24 17.24 42.50 13.76
C VAL C 24 15.88 41.83 13.94
N PHE C 25 15.25 41.41 12.85
CA PHE C 25 14.04 40.59 12.95
C PHE C 25 14.38 39.14 12.71
N PHE C 26 13.69 38.24 13.41
CA PHE C 26 13.92 36.79 13.25
C PHE C 26 12.86 36.13 12.38
N LEU C 27 13.22 35.01 11.77
CA LEU C 27 12.27 34.21 11.02
C LEU C 27 10.94 34.04 11.76
N ASN C 28 11.01 33.69 13.05
CA ASN C 28 9.81 33.50 13.86
C ASN C 28 9.19 34.80 14.41
N GLY C 29 9.54 35.93 13.78
CA GLY C 29 8.92 37.21 14.06
C GLY C 29 9.45 37.97 15.27
N PHE C 30 10.34 37.36 16.04
CA PHE C 30 10.90 38.05 17.17
C PHE C 30 11.74 39.22 16.69
N GLN C 31 12.02 40.15 17.59
CA GLN C 31 12.70 41.37 17.24
C GLN C 31 13.71 41.78 18.32
N MET C 32 14.94 42.05 17.90
CA MET C 32 16.04 42.36 18.81
C MET C 32 16.72 43.63 18.31
N LYS C 33 17.11 44.53 19.22
CA LYS C 33 17.76 45.78 18.81
C LYS C 33 19.08 45.98 19.55
N GLY C 34 20.16 46.20 18.80
CA GLY C 34 21.47 46.38 19.42
C GLY C 34 22.58 46.76 18.46
N VAL C 35 23.83 46.58 18.90
CA VAL C 35 24.99 47.00 18.11
C VAL C 35 25.79 45.80 17.62
N ILE C 36 26.09 45.80 16.32
CA ILE C 36 26.83 44.69 15.72
C ILE C 36 28.31 44.83 16.00
N GLU C 37 28.87 43.89 16.73
CA GLU C 37 30.28 43.97 17.10
C GLU C 37 31.19 43.09 16.24
N GLU C 38 30.62 42.03 15.67
CA GLU C 38 31.40 41.05 14.94
C GLU C 38 30.44 40.22 14.07
N TYR C 39 30.99 39.50 13.10
CA TYR C 39 30.18 38.69 12.20
C TYR C 39 31.08 37.91 11.26
N ASP C 40 30.63 36.72 10.86
CA ASP C 40 31.29 35.90 9.84
C ASP C 40 30.24 35.27 8.92
N LYS C 41 30.65 34.28 8.14
CA LYS C 41 29.74 33.65 7.19
C LYS C 41 28.47 33.09 7.84
N TYR C 42 28.57 32.73 9.12
CA TYR C 42 27.48 32.02 9.77
C TYR C 42 26.76 32.76 10.87
N VAL C 43 27.47 33.59 11.62
CA VAL C 43 26.87 34.25 12.77
C VAL C 43 27.08 35.75 12.79
N VAL C 44 26.20 36.41 13.52
CA VAL C 44 26.33 37.83 13.85
C VAL C 44 26.37 37.97 15.37
N SER C 45 27.27 38.81 15.89
CA SER C 45 27.35 39.09 17.32
C SER C 45 26.78 40.46 17.66
N LEU C 46 25.71 40.46 18.42
CA LEU C 46 25.00 41.69 18.75
C LEU C 46 25.07 41.99 20.27
N ASN C 47 25.74 43.08 20.64
CA ASN C 47 25.67 43.56 22.03
C ASN C 47 24.39 44.35 22.23
N SER C 48 23.41 43.75 22.91
CA SER C 48 22.07 44.32 22.98
C SER C 48 21.85 45.18 24.22
N GLN C 49 21.13 44.64 25.20
CA GLN C 49 20.84 45.38 26.42
C GLN C 49 21.51 44.74 27.62
N GLY C 50 22.84 44.79 27.66
CA GLY C 50 23.58 44.20 28.75
C GLY C 50 23.81 42.70 28.61
N LYS C 51 23.70 42.21 27.39
CA LYS C 51 24.07 40.83 27.07
C LYS C 51 24.73 40.76 25.70
N GLN C 52 25.69 39.85 25.54
CA GLN C 52 26.19 39.50 24.23
C GLN C 52 25.31 38.41 23.58
N HIS C 53 24.75 38.69 22.41
CA HIS C 53 23.97 37.69 21.67
C HIS C 53 24.75 37.23 20.46
N LEU C 54 24.95 35.93 20.35
CA LEU C 54 25.57 35.35 19.19
C LEU C 54 24.48 34.68 18.32
N ILE C 55 24.20 35.29 17.16
CA ILE C 55 23.06 34.91 16.33
C ILE C 55 23.44 34.17 15.05
N TYR C 56 22.70 33.12 14.70
CA TYR C 56 22.90 32.46 13.42
C TYR C 56 22.14 33.19 12.33
N LYS C 57 22.78 33.37 11.18
CA LYS C 57 22.14 34.06 10.07
C LYS C 57 20.89 33.35 9.58
N HIS C 58 20.91 32.01 9.60
CA HIS C 58 19.76 31.24 9.14
C HIS C 58 18.52 31.61 9.93
N ALA C 59 18.69 32.26 11.08
CA ALA C 59 17.54 32.58 11.92
C ALA C 59 17.08 34.01 11.69
N ILE C 60 17.91 34.77 10.98
CA ILE C 60 17.57 36.17 10.72
C ILE C 60 16.65 36.34 9.52
N SER C 61 15.67 37.23 9.67
CA SER C 61 14.84 37.69 8.59
C SER C 61 15.38 38.99 7.94
N THR C 62 15.45 40.06 8.73
CA THR C 62 15.80 41.38 8.17
C THR C 62 16.61 42.24 9.13
N TYR C 63 17.53 43.03 8.57
CA TYR C 63 18.18 44.09 9.35
C TYR C 63 17.57 45.39 8.92
N THR C 64 17.28 46.24 9.90
CA THR C 64 16.90 47.60 9.60
C THR C 64 17.40 48.52 10.70
N VAL C 65 17.30 49.82 10.46
CA VAL C 65 17.69 50.81 11.47
C VAL C 65 16.74 52.01 11.41
N GLU C 66 16.26 52.43 12.58
CA GLU C 66 15.35 53.57 12.65
C GLU C 66 15.57 54.38 13.93
N ASN D 6 36.27 33.33 12.15
CA ASN D 6 35.38 32.35 12.78
C ASN D 6 34.97 32.73 14.20
N ILE D 7 34.02 33.65 14.28
CA ILE D 7 33.48 34.11 15.54
C ILE D 7 32.76 32.96 16.27
N GLN D 8 32.03 32.14 15.50
CA GLN D 8 31.23 31.09 16.09
C GLN D 8 32.08 30.13 16.92
N ASP D 9 33.05 29.48 16.28
CA ASP D 9 33.84 28.47 16.95
C ASP D 9 34.60 29.02 18.16
N LYS D 10 35.12 30.23 18.04
CA LYS D 10 35.82 30.84 19.15
C LYS D 10 34.87 31.10 20.32
N ALA D 11 33.67 31.58 20.02
CA ALA D 11 32.67 31.83 21.06
C ALA D 11 32.38 30.54 21.84
N LEU D 12 32.08 29.49 21.10
CA LEU D 12 31.73 28.19 21.68
C LEU D 12 32.89 27.62 22.48
N GLU D 13 34.10 27.83 22.01
CA GLU D 13 35.29 27.32 22.69
C GLU D 13 35.42 28.00 24.04
N ASN D 14 35.12 29.30 24.04
CA ASN D 14 35.06 30.08 25.26
C ASN D 14 33.99 29.55 26.21
N PHE D 15 32.79 29.31 25.71
CA PHE D 15 31.69 28.84 26.54
C PHE D 15 32.02 27.51 27.19
N LYS D 16 32.62 26.63 26.40
CA LYS D 16 33.01 25.30 26.85
C LYS D 16 34.15 25.30 27.86
N ALA D 17 35.19 26.08 27.57
CA ALA D 17 36.40 26.09 28.39
C ALA D 17 36.09 26.63 29.78
N ASN D 18 35.26 27.67 29.83
CA ASN D 18 34.97 28.34 31.08
C ASN D 18 33.69 27.83 31.76
N GLN D 19 32.99 26.92 31.09
CA GLN D 19 31.71 26.43 31.58
C GLN D 19 30.76 27.58 31.84
N THR D 20 30.67 28.53 30.91
CA THR D 20 29.80 29.66 31.13
C THR D 20 28.31 29.31 30.94
N GLU D 21 27.47 29.88 31.79
CA GLU D 21 26.03 29.68 31.68
C GLU D 21 25.53 30.34 30.39
N VAL D 22 25.02 29.52 29.49
CA VAL D 22 24.55 29.96 28.17
C VAL D 22 23.04 29.79 28.07
N THR D 23 22.34 30.81 27.56
CA THR D 23 20.96 30.60 27.18
C THR D 23 20.91 30.34 25.67
N VAL D 24 20.45 29.14 25.31
CA VAL D 24 20.19 28.82 23.91
C VAL D 24 18.73 29.12 23.63
N PHE D 25 18.51 29.95 22.61
CA PHE D 25 17.16 30.25 22.13
C PHE D 25 16.94 29.45 20.85
N PHE D 26 15.75 28.89 20.69
CA PHE D 26 15.45 28.02 19.57
C PHE D 26 14.61 28.76 18.53
N LEU D 27 14.58 28.24 17.32
CA LEU D 27 13.80 28.86 16.25
C LEU D 27 12.39 29.15 16.73
N ASN D 28 11.78 28.19 17.41
CA ASN D 28 10.40 28.35 17.82
C ASN D 28 10.22 29.18 19.08
N GLY D 29 11.24 29.96 19.42
CA GLY D 29 11.16 30.85 20.56
C GLY D 29 11.52 30.20 21.88
N PHE D 30 11.33 28.88 21.98
CA PHE D 30 11.66 28.15 23.20
C PHE D 30 13.08 28.50 23.65
N GLN D 31 13.38 28.25 24.93
CA GLN D 31 14.71 28.59 25.42
C GLN D 31 15.19 27.67 26.53
N MET D 32 16.51 27.55 26.65
CA MET D 32 17.12 26.61 27.57
C MET D 32 18.47 27.13 28.06
N LYS D 33 18.72 27.00 29.36
CA LYS D 33 19.97 27.50 29.92
C LYS D 33 20.82 26.36 30.43
N GLY D 34 22.12 26.44 30.18
CA GLY D 34 23.00 25.39 30.63
C GLY D 34 24.45 25.62 30.30
N VAL D 35 25.22 24.54 30.40
CA VAL D 35 26.64 24.58 30.13
C VAL D 35 26.94 23.76 28.89
N ILE D 36 27.76 24.29 28.00
CA ILE D 36 28.08 23.54 26.81
C ILE D 36 29.20 22.57 27.13
N GLU D 37 28.94 21.28 26.95
CA GLU D 37 29.92 20.25 27.26
C GLU D 37 30.81 19.95 26.06
N GLU D 38 30.24 20.10 24.87
CA GLU D 38 31.00 19.96 23.64
C GLU D 38 30.16 20.39 22.44
N TYR D 39 30.79 20.39 21.28
CA TYR D 39 30.14 20.83 20.05
C TYR D 39 31.00 20.38 18.89
N ASP D 40 30.39 20.20 17.74
CA ASP D 40 31.13 19.99 16.50
C ASP D 40 30.48 20.85 15.42
N LYS D 41 30.72 20.51 14.16
CA LYS D 41 30.21 21.34 13.06
C LYS D 41 28.69 21.53 13.11
N TYR D 42 27.97 20.48 13.49
CA TYR D 42 26.52 20.43 13.36
C TYR D 42 25.72 20.52 14.65
N VAL D 43 26.33 20.11 15.77
CA VAL D 43 25.61 20.00 17.03
C VAL D 43 26.32 20.66 18.21
N VAL D 44 25.52 20.97 19.22
CA VAL D 44 25.99 21.44 20.51
C VAL D 44 25.44 20.53 21.60
N SER D 45 26.31 20.05 22.49
CA SER D 45 25.91 19.26 23.63
C SER D 45 25.72 20.19 24.80
N LEU D 46 24.47 20.45 25.14
CA LEU D 46 24.16 21.35 26.24
C LEU D 46 23.68 20.59 27.50
N ASN D 47 24.39 20.73 28.62
CA ASN D 47 23.90 20.16 29.88
C ASN D 47 22.97 21.14 30.57
N SER D 48 21.74 20.71 30.84
CA SER D 48 20.76 21.59 31.46
C SER D 48 19.87 20.83 32.42
N GLN D 49 19.72 21.37 33.63
CA GLN D 49 18.94 20.70 34.66
C GLN D 49 19.34 19.24 34.77
N GLY D 50 20.64 19.00 34.79
CA GLY D 50 21.19 17.67 35.00
C GLY D 50 20.93 16.64 33.92
N LYS D 51 20.54 17.10 32.72
CA LYS D 51 20.35 16.20 31.59
C LYS D 51 21.10 16.67 30.35
N GLN D 52 21.63 15.72 29.60
CA GLN D 52 22.33 16.03 28.38
C GLN D 52 21.33 16.34 27.28
N HIS D 53 21.62 17.38 26.49
CA HIS D 53 20.83 17.72 25.32
C HIS D 53 21.72 17.83 24.10
N LEU D 54 21.36 17.11 23.04
CA LEU D 54 22.12 17.21 21.80
C LEU D 54 21.30 18.01 20.79
N ILE D 55 21.75 19.23 20.49
CA ILE D 55 21.00 20.19 19.72
C ILE D 55 21.61 20.41 18.35
N TYR D 56 20.79 20.40 17.30
CA TYR D 56 21.26 20.76 15.94
C TYR D 56 21.39 22.26 15.82
N LYS D 57 22.54 22.72 15.36
CA LYS D 57 22.69 24.14 15.09
C LYS D 57 21.52 24.76 14.29
N HIS D 58 20.93 24.00 13.35
CA HIS D 58 19.86 24.56 12.52
C HIS D 58 18.63 24.90 13.35
N ALA D 59 18.50 24.27 14.52
CA ALA D 59 17.40 24.57 15.43
C ALA D 59 17.65 25.82 16.30
N ILE D 60 18.90 26.27 16.36
CA ILE D 60 19.27 27.40 17.21
C ILE D 60 19.13 28.76 16.51
N SER D 61 18.50 29.70 17.18
CA SER D 61 18.49 31.08 16.69
C SER D 61 19.64 31.90 17.33
N THR D 62 19.68 31.95 18.66
CA THR D 62 20.69 32.72 19.38
C THR D 62 21.30 32.00 20.58
N TYR D 63 22.56 32.32 20.89
CA TYR D 63 23.20 32.03 22.18
C TYR D 63 23.28 33.35 22.93
N THR D 64 22.93 33.36 24.20
CA THR D 64 23.06 34.57 24.99
C THR D 64 23.85 34.34 26.26
N VAL D 65 24.77 35.25 26.53
CA VAL D 65 25.54 35.24 27.78
C VAL D 65 25.40 36.60 28.45
N ASN E 6 32.07 12.51 14.67
CA ASN E 6 32.16 13.61 15.63
C ASN E 6 31.24 13.43 16.83
N ILE E 7 30.78 14.53 17.40
CA ILE E 7 29.84 14.46 18.52
C ILE E 7 28.56 13.76 18.10
N GLN E 8 27.98 14.19 16.99
CA GLN E 8 26.72 13.63 16.52
C GLN E 8 26.79 12.11 16.33
N ASP E 9 27.67 11.65 15.45
CA ASP E 9 27.79 10.22 15.16
C ASP E 9 28.06 9.40 16.41
N LYS E 10 28.86 9.96 17.31
CA LYS E 10 29.21 9.26 18.53
C LYS E 10 27.94 9.07 19.37
N ALA E 11 27.16 10.13 19.50
CA ALA E 11 25.93 10.08 20.27
C ALA E 11 24.90 9.12 19.66
N LEU E 12 24.69 9.21 18.34
CA LEU E 12 23.69 8.38 17.69
C LEU E 12 24.08 6.90 17.71
N GLU E 13 25.38 6.63 17.58
CA GLU E 13 25.87 5.26 17.57
C GLU E 13 25.66 4.60 18.92
N ASN E 14 25.85 5.38 19.98
CA ASN E 14 25.62 4.89 21.31
C ASN E 14 24.13 4.72 21.58
N PHE E 15 23.31 5.65 21.13
CA PHE E 15 21.86 5.45 21.21
C PHE E 15 21.43 4.14 20.53
N LYS E 16 22.00 3.88 19.36
CA LYS E 16 21.66 2.73 18.57
C LYS E 16 22.12 1.39 19.18
N ALA E 17 23.37 1.37 19.64
CA ALA E 17 24.01 0.16 20.15
C ALA E 17 23.49 -0.25 21.51
N ASN E 18 23.02 0.74 22.27
CA ASN E 18 22.48 0.46 23.60
C ASN E 18 20.97 0.36 23.59
N GLN E 19 20.35 0.64 22.45
CA GLN E 19 18.90 0.73 22.39
C GLN E 19 18.33 1.67 23.44
N THR E 20 18.98 2.82 23.62
CA THR E 20 18.50 3.79 24.59
C THR E 20 17.17 4.40 24.14
N GLU E 21 16.24 4.55 25.06
CA GLU E 21 15.00 5.28 24.77
C GLU E 21 15.32 6.78 24.76
N VAL E 22 15.34 7.36 23.57
CA VAL E 22 15.65 8.78 23.44
C VAL E 22 14.38 9.55 23.17
N THR E 23 14.36 10.80 23.61
CA THR E 23 13.28 11.70 23.25
C THR E 23 13.76 12.60 22.13
N VAL E 24 13.04 12.64 21.01
CA VAL E 24 13.37 13.51 19.88
C VAL E 24 12.45 14.72 19.91
N PHE E 25 13.00 15.92 19.98
CA PHE E 25 12.17 17.12 19.95
C PHE E 25 12.25 17.68 18.53
N PHE E 26 11.12 18.09 17.95
CA PHE E 26 11.08 18.59 16.58
C PHE E 26 11.10 20.13 16.56
N LEU E 27 11.51 20.71 15.44
CA LEU E 27 11.55 22.15 15.27
C LEU E 27 10.24 22.83 15.66
N ASN E 28 9.13 22.14 15.42
CA ASN E 28 7.82 22.71 15.72
C ASN E 28 7.32 22.40 17.13
N GLY E 29 8.21 21.88 17.96
CA GLY E 29 7.85 21.59 19.34
C GLY E 29 7.42 20.16 19.61
N PHE E 30 6.82 19.50 18.62
CA PHE E 30 6.42 18.09 18.80
C PHE E 30 7.56 17.26 19.39
N GLN E 31 7.23 16.22 20.13
CA GLN E 31 8.25 15.33 20.65
C GLN E 31 7.82 13.87 20.53
N MET E 32 8.78 12.99 20.28
CA MET E 32 8.56 11.56 20.10
C MET E 32 9.57 10.83 20.96
N LYS E 33 9.13 9.80 21.67
CA LYS E 33 10.04 8.97 22.45
C LYS E 33 10.18 7.59 21.80
N GLY E 34 11.41 7.08 21.72
CA GLY E 34 11.60 5.81 21.06
C GLY E 34 13.05 5.36 21.02
N VAL E 35 13.30 4.33 20.22
CA VAL E 35 14.63 3.77 20.09
C VAL E 35 15.14 3.94 18.67
N ILE E 36 16.42 4.26 18.53
CA ILE E 36 16.99 4.51 17.21
C ILE E 36 17.48 3.22 16.57
N GLU E 37 16.83 2.83 15.48
CA GLU E 37 17.11 1.60 14.76
C GLU E 37 18.29 1.74 13.80
N GLU E 38 18.30 2.86 13.07
CA GLU E 38 19.35 3.19 12.13
C GLU E 38 19.35 4.69 11.94
N TYR E 39 20.42 5.20 11.35
CA TYR E 39 20.49 6.61 10.99
C TYR E 39 21.53 6.72 9.90
N ASP E 40 21.47 7.79 9.12
CA ASP E 40 22.54 8.07 8.20
C ASP E 40 22.78 9.57 8.20
N LYS E 41 23.42 10.07 7.15
CA LYS E 41 23.81 11.47 7.11
C LYS E 41 22.57 12.37 7.24
N TYR E 42 21.44 11.90 6.72
CA TYR E 42 20.24 12.74 6.57
C TYR E 42 19.01 12.33 7.40
N VAL E 43 18.94 11.06 7.76
CA VAL E 43 17.71 10.57 8.33
C VAL E 43 17.99 9.78 9.60
N VAL E 44 16.99 9.72 10.45
CA VAL E 44 17.05 8.86 11.62
C VAL E 44 15.83 7.94 11.58
N SER E 45 16.04 6.64 11.66
CA SER E 45 14.89 5.73 11.77
C SER E 45 14.57 5.48 13.25
N LEU E 46 13.36 5.85 13.66
CA LEU E 46 12.96 5.76 15.07
C LEU E 46 11.75 4.85 15.29
N ASN E 47 11.93 3.82 16.09
CA ASN E 47 10.78 2.99 16.53
C ASN E 47 10.08 3.64 17.70
N SER E 48 8.82 3.99 17.53
CA SER E 48 8.07 4.70 18.56
C SER E 48 6.59 4.36 18.49
N GLN E 49 5.98 4.19 19.66
CA GLN E 49 4.56 3.94 19.77
C GLN E 49 4.12 2.75 18.91
N GLY E 50 5.01 1.80 18.73
CA GLY E 50 4.69 0.60 17.98
C GLY E 50 4.86 0.71 16.49
N LYS E 51 5.38 1.86 16.03
CA LYS E 51 5.49 2.11 14.60
C LYS E 51 6.92 2.45 14.17
N GLN E 52 7.16 2.41 12.87
CA GLN E 52 8.44 2.81 12.32
C GLN E 52 8.37 4.25 11.85
N HIS E 53 9.43 5.00 12.08
CA HIS E 53 9.50 6.39 11.63
C HIS E 53 10.79 6.68 10.92
N LEU E 54 10.70 7.38 9.81
CA LEU E 54 11.88 7.84 9.11
C LEU E 54 11.86 9.36 9.21
N ILE E 55 12.73 9.89 10.05
CA ILE E 55 12.72 11.30 10.40
C ILE E 55 13.85 12.01 9.68
N TYR E 56 13.55 13.18 9.11
CA TYR E 56 14.59 14.04 8.52
C TYR E 56 15.34 14.83 9.60
N LYS E 57 16.67 14.84 9.55
CA LYS E 57 17.40 15.62 10.55
C LYS E 57 17.00 17.09 10.51
N HIS E 58 16.79 17.64 9.32
CA HIS E 58 16.43 19.06 9.20
C HIS E 58 15.19 19.42 10.02
N ALA E 59 14.44 18.41 10.45
CA ALA E 59 13.23 18.69 11.24
C ALA E 59 13.44 18.47 12.75
N ILE E 60 14.60 17.91 13.10
CA ILE E 60 14.93 17.61 14.49
C ILE E 60 15.59 18.82 15.16
N SER E 61 15.16 19.12 16.37
CA SER E 61 15.77 20.20 17.12
C SER E 61 16.74 19.65 18.16
N THR E 62 16.33 18.61 18.89
CA THR E 62 17.13 18.10 20.00
C THR E 62 16.90 16.62 20.29
N TYR E 63 17.95 15.91 20.68
CA TYR E 63 17.79 14.63 21.38
C TYR E 63 18.10 14.79 22.85
N THR E 64 17.35 14.10 23.70
CA THR E 64 17.68 13.99 25.12
C THR E 64 17.27 12.62 25.65
N VAL E 65 17.95 12.13 26.67
CA VAL E 65 17.56 10.86 27.27
C VAL E 65 16.75 11.09 28.55
N GLU E 66 15.47 10.74 28.47
CA GLU E 66 14.48 10.93 29.54
C GLU E 66 14.12 12.40 29.76
N GLU F 5 23.26 1.78 4.68
CA GLU F 5 23.98 3.05 4.64
C GLU F 5 23.14 4.21 4.07
N ASN F 6 22.46 4.00 2.94
CA ASN F 6 21.49 5.00 2.49
C ASN F 6 20.07 4.63 2.87
N ILE F 7 19.71 4.91 4.12
CA ILE F 7 18.43 4.53 4.67
C ILE F 7 17.27 5.12 3.88
N GLN F 8 17.41 6.40 3.54
CA GLN F 8 16.32 7.13 2.92
C GLN F 8 15.89 6.54 1.59
N ASP F 9 16.86 6.29 0.71
CA ASP F 9 16.57 5.75 -0.62
C ASP F 9 16.14 4.28 -0.52
N LYS F 10 16.61 3.57 0.50
CA LYS F 10 16.22 2.20 0.69
C LYS F 10 14.76 2.16 1.12
N ALA F 11 14.39 3.01 2.08
CA ALA F 11 13.03 3.09 2.55
C ALA F 11 12.05 3.52 1.44
N LEU F 12 12.41 4.57 0.71
CA LEU F 12 11.49 5.09 -0.31
C LEU F 12 11.20 4.06 -1.39
N GLU F 13 12.24 3.37 -1.85
CA GLU F 13 12.06 2.32 -2.84
C GLU F 13 11.14 1.21 -2.31
N ASN F 14 11.32 0.82 -1.04
CA ASN F 14 10.44 -0.14 -0.42
C ASN F 14 9.02 0.36 -0.36
N PHE F 15 8.82 1.59 0.10
CA PHE F 15 7.49 2.17 0.14
C PHE F 15 6.86 2.13 -1.27
N LYS F 16 7.65 2.43 -2.29
CA LYS F 16 7.13 2.47 -3.64
C LYS F 16 6.81 1.05 -4.17
N ALA F 17 7.78 0.14 -4.05
CA ALA F 17 7.64 -1.23 -4.51
C ALA F 17 6.47 -1.96 -3.85
N ASN F 18 6.37 -1.83 -2.53
CA ASN F 18 5.33 -2.52 -1.77
C ASN F 18 4.06 -1.71 -1.66
N GLN F 19 4.10 -0.47 -2.16
CA GLN F 19 2.93 0.38 -2.07
C GLN F 19 2.44 0.51 -0.64
N THR F 20 3.38 0.66 0.29
CA THR F 20 3.04 0.81 1.70
C THR F 20 2.19 2.05 1.94
N GLU F 21 1.25 1.94 2.86
CA GLU F 21 0.44 3.08 3.27
C GLU F 21 1.32 3.91 4.19
N VAL F 22 1.69 5.12 3.75
CA VAL F 22 2.63 5.96 4.47
C VAL F 22 1.91 7.19 4.98
N THR F 23 2.18 7.57 6.23
CA THR F 23 1.74 8.87 6.69
C THR F 23 2.92 9.83 6.65
N VAL F 24 2.74 10.95 5.96
CA VAL F 24 3.77 11.98 5.85
C VAL F 24 3.37 13.08 6.82
N PHE F 25 4.26 13.38 7.77
CA PHE F 25 4.08 14.50 8.69
C PHE F 25 4.92 15.68 8.22
N PHE F 26 4.33 16.87 8.14
CA PHE F 26 5.05 18.06 7.67
C PHE F 26 5.58 18.87 8.84
N LEU F 27 6.56 19.72 8.59
CA LEU F 27 7.12 20.57 9.61
C LEU F 27 6.04 21.40 10.32
N ASN F 28 4.97 21.73 9.61
CA ASN F 28 3.97 22.63 10.15
C ASN F 28 2.88 21.91 10.92
N GLY F 29 3.14 20.64 11.24
CA GLY F 29 2.25 19.88 12.10
C GLY F 29 1.24 19.04 11.35
N PHE F 30 0.86 19.51 10.17
CA PHE F 30 -0.10 18.82 9.29
C PHE F 30 0.42 17.45 8.82
N GLN F 31 -0.50 16.59 8.39
CA GLN F 31 -0.15 15.23 8.00
C GLN F 31 -1.02 14.67 6.90
N MET F 32 -0.50 13.69 6.19
CA MET F 32 -1.17 13.17 5.00
C MET F 32 -0.87 11.68 4.78
N LYS F 33 -1.92 10.86 4.69
CA LYS F 33 -1.76 9.42 4.48
C LYS F 33 -1.88 9.07 2.99
N GLY F 34 -1.08 8.12 2.51
CA GLY F 34 -1.15 7.74 1.12
C GLY F 34 -0.06 6.81 0.67
N VAL F 35 0.13 6.71 -0.64
CA VAL F 35 1.15 5.83 -1.20
C VAL F 35 2.11 6.57 -2.12
N ILE F 36 3.38 6.21 -2.02
CA ILE F 36 4.43 6.85 -2.80
C ILE F 36 4.46 6.23 -4.17
N GLU F 37 4.47 7.08 -5.19
CA GLU F 37 4.45 6.63 -6.57
C GLU F 37 5.81 6.87 -7.20
N GLU F 38 6.44 7.98 -6.81
CA GLU F 38 7.71 8.40 -7.38
C GLU F 38 8.41 9.23 -6.35
N TYR F 39 9.74 9.23 -6.36
CA TYR F 39 10.51 10.15 -5.54
C TYR F 39 11.84 10.44 -6.23
N ASP F 40 12.44 11.56 -5.89
CA ASP F 40 13.82 11.78 -6.30
C ASP F 40 14.51 12.56 -5.22
N LYS F 41 15.74 12.96 -5.48
CA LYS F 41 16.54 13.71 -4.53
C LYS F 41 15.77 14.79 -3.75
N TYR F 42 14.82 15.47 -4.40
CA TYR F 42 14.17 16.62 -3.76
C TYR F 42 12.68 16.48 -3.45
N VAL F 43 11.99 15.59 -4.14
CA VAL F 43 10.55 15.51 -3.96
C VAL F 43 10.09 14.09 -3.81
N VAL F 44 8.84 13.95 -3.37
CA VAL F 44 8.16 12.68 -3.29
C VAL F 44 6.78 12.91 -3.86
N SER F 45 6.30 11.96 -4.65
CA SER F 45 4.93 12.06 -5.16
C SER F 45 4.06 11.08 -4.39
N LEU F 46 3.01 11.60 -3.74
CA LEU F 46 2.20 10.81 -2.85
C LEU F 46 0.74 10.84 -3.27
N ASN F 47 0.23 9.69 -3.75
CA ASN F 47 -1.18 9.56 -4.04
C ASN F 47 -2.01 9.33 -2.79
N SER F 48 -3.01 10.17 -2.59
CA SER F 48 -3.76 10.13 -1.35
C SER F 48 -5.14 10.72 -1.54
N GLN F 49 -6.17 10.01 -1.07
CA GLN F 49 -7.54 10.49 -1.12
C GLN F 49 -7.86 10.99 -2.54
N GLY F 50 -7.55 10.16 -3.54
CA GLY F 50 -7.79 10.47 -4.93
C GLY F 50 -6.93 11.57 -5.56
N LYS F 51 -6.07 12.22 -4.76
CA LYS F 51 -5.27 13.33 -5.26
C LYS F 51 -3.78 13.01 -5.45
N GLN F 52 -3.16 13.59 -6.46
CA GLN F 52 -1.71 13.57 -6.61
C GLN F 52 -1.10 14.74 -5.85
N HIS F 53 -0.21 14.44 -4.91
CA HIS F 53 0.54 15.50 -4.23
C HIS F 53 2.01 15.40 -4.57
N LEU F 54 2.61 16.54 -4.91
CA LEU F 54 4.04 16.59 -5.10
C LEU F 54 4.62 17.38 -3.96
N ILE F 55 5.33 16.69 -3.08
CA ILE F 55 5.78 17.25 -1.80
C ILE F 55 7.27 17.44 -1.79
N TYR F 56 7.74 18.63 -1.42
CA TYR F 56 9.16 18.84 -1.18
C TYR F 56 9.63 18.19 0.10
N LYS F 57 10.77 17.51 0.03
CA LYS F 57 11.36 16.88 1.19
C LYS F 57 11.70 17.90 2.27
N HIS F 58 12.13 19.10 1.87
CA HIS F 58 12.54 20.10 2.85
C HIS F 58 11.36 20.43 3.74
N ALA F 59 10.15 20.12 3.28
CA ALA F 59 8.94 20.40 4.04
C ALA F 59 8.48 19.22 4.89
N ILE F 60 9.19 18.10 4.80
CA ILE F 60 8.77 16.89 5.52
C ILE F 60 9.53 16.69 6.84
N SER F 61 8.77 16.45 7.89
CA SER F 61 9.36 16.06 9.16
C SER F 61 9.64 14.55 9.26
N THR F 62 8.62 13.74 8.95
CA THR F 62 8.66 12.30 9.21
C THR F 62 7.80 11.48 8.24
N TYR F 63 8.25 10.28 7.89
CA TYR F 63 7.37 9.27 7.29
C TYR F 63 7.05 8.20 8.34
N THR F 64 5.78 7.86 8.47
CA THR F 64 5.38 6.93 9.48
C THR F 64 4.64 5.74 8.85
N VAL F 65 5.10 4.55 9.20
CA VAL F 65 4.48 3.32 8.71
C VAL F 65 4.13 2.48 9.90
N ASN G 6 -17.23 -43.79 -16.40
CA ASN G 6 -17.85 -42.64 -17.05
C ASN G 6 -19.21 -42.37 -16.45
N ILE G 7 -19.22 -41.59 -15.37
CA ILE G 7 -20.41 -41.39 -14.57
C ILE G 7 -21.37 -40.40 -15.23
N GLN G 8 -20.82 -39.36 -15.85
CA GLN G 8 -21.67 -38.40 -16.54
C GLN G 8 -22.45 -39.06 -17.68
N ASP G 9 -21.74 -39.73 -18.58
CA ASP G 9 -22.43 -40.29 -19.73
C ASP G 9 -23.39 -41.39 -19.30
N LYS G 10 -22.96 -42.23 -18.37
CA LYS G 10 -23.86 -43.26 -17.87
C LYS G 10 -25.13 -42.63 -17.31
N ALA G 11 -24.96 -41.55 -16.53
CA ALA G 11 -26.11 -40.90 -15.89
C ALA G 11 -27.01 -40.17 -16.90
N LEU G 12 -26.40 -39.55 -17.90
CA LEU G 12 -27.16 -38.88 -18.94
C LEU G 12 -27.93 -39.90 -19.79
N GLU G 13 -27.27 -40.98 -20.18
CA GLU G 13 -27.93 -42.02 -20.97
C GLU G 13 -29.13 -42.60 -20.24
N ASN G 14 -29.01 -42.81 -18.94
CA ASN G 14 -30.13 -43.31 -18.16
C ASN G 14 -31.26 -42.29 -18.08
N PHE G 15 -30.91 -41.02 -17.89
CA PHE G 15 -31.91 -39.97 -17.93
C PHE G 15 -32.62 -39.93 -19.30
N LYS G 16 -31.87 -40.15 -20.38
CA LYS G 16 -32.43 -40.08 -21.71
C LYS G 16 -33.24 -41.33 -22.04
N ALA G 17 -32.64 -42.49 -21.81
CA ALA G 17 -33.31 -43.77 -22.04
C ALA G 17 -34.62 -43.88 -21.26
N ASN G 18 -34.68 -43.36 -20.04
CA ASN G 18 -35.86 -43.53 -19.21
C ASN G 18 -36.80 -42.33 -19.17
N GLN G 19 -36.51 -41.30 -19.95
CA GLN G 19 -37.31 -40.08 -19.92
C GLN G 19 -37.52 -39.57 -18.49
N THR G 20 -36.49 -39.67 -17.65
CA THR G 20 -36.57 -39.17 -16.28
C THR G 20 -36.78 -37.65 -16.18
N GLU G 21 -37.64 -37.25 -15.26
CA GLU G 21 -37.89 -35.84 -14.98
C GLU G 21 -36.73 -35.30 -14.15
N VAL G 22 -35.81 -34.60 -14.79
CA VAL G 22 -34.67 -34.05 -14.08
C VAL G 22 -34.87 -32.58 -13.83
N THR G 23 -34.28 -32.10 -12.74
CA THR G 23 -34.20 -30.67 -12.49
C THR G 23 -32.78 -30.22 -12.77
N VAL G 24 -32.64 -29.19 -13.59
CA VAL G 24 -31.33 -28.65 -13.92
C VAL G 24 -31.19 -27.33 -13.18
N PHE G 25 -30.15 -27.23 -12.35
CA PHE G 25 -29.81 -25.96 -11.72
C PHE G 25 -28.67 -25.32 -12.47
N PHE G 26 -28.76 -24.00 -12.63
CA PHE G 26 -27.74 -23.25 -13.36
C PHE G 26 -26.80 -22.50 -12.41
N LEU G 27 -25.60 -22.20 -12.88
CA LEU G 27 -24.63 -21.44 -12.10
C LEU G 27 -25.25 -20.24 -11.42
N ASN G 28 -26.20 -19.60 -12.09
CA ASN G 28 -26.74 -18.32 -11.63
C ASN G 28 -27.96 -18.48 -10.74
N GLY G 29 -28.24 -19.73 -10.34
CA GLY G 29 -29.38 -20.01 -9.47
C GLY G 29 -30.59 -20.57 -10.18
N PHE G 30 -30.77 -20.23 -11.45
CA PHE G 30 -31.98 -20.64 -12.16
C PHE G 30 -32.15 -22.16 -12.14
N GLN G 31 -33.39 -22.61 -12.09
CA GLN G 31 -33.66 -24.03 -12.15
C GLN G 31 -34.79 -24.30 -13.13
N MET G 32 -34.72 -25.43 -13.80
CA MET G 32 -35.66 -25.76 -14.85
C MET G 32 -35.90 -27.27 -14.83
N LYS G 33 -37.15 -27.69 -14.94
CA LYS G 33 -37.46 -29.11 -14.87
C LYS G 33 -37.84 -29.63 -16.26
N GLY G 34 -37.43 -30.85 -16.59
CA GLY G 34 -37.75 -31.39 -17.89
C GLY G 34 -37.10 -32.73 -18.17
N VAL G 35 -37.10 -33.13 -19.43
CA VAL G 35 -36.52 -34.40 -19.84
C VAL G 35 -35.36 -34.17 -20.78
N ILE G 36 -34.29 -34.95 -20.64
CA ILE G 36 -33.13 -34.81 -21.51
C ILE G 36 -33.38 -35.59 -22.80
N GLU G 37 -33.47 -34.93 -23.93
CA GLU G 37 -33.80 -35.64 -25.18
C GLU G 37 -32.54 -36.13 -25.90
N GLU G 38 -31.44 -35.42 -25.72
CA GLU G 38 -30.19 -35.77 -26.36
C GLU G 38 -29.11 -34.93 -25.70
N TYR G 39 -27.85 -35.34 -25.84
CA TYR G 39 -26.74 -34.58 -25.29
C TYR G 39 -25.47 -34.96 -26.06
N ASP G 40 -24.46 -34.10 -25.98
CA ASP G 40 -23.12 -34.50 -26.37
C ASP G 40 -22.07 -33.80 -25.51
N LYS G 41 -20.82 -33.84 -25.96
CA LYS G 41 -19.69 -33.39 -25.16
C LYS G 41 -19.89 -32.03 -24.49
N TYR G 42 -20.56 -31.11 -25.17
CA TYR G 42 -20.63 -29.73 -24.68
C TYR G 42 -22.05 -29.26 -24.36
N VAL G 43 -23.03 -30.04 -24.78
CA VAL G 43 -24.39 -29.55 -24.82
C VAL G 43 -25.44 -30.56 -24.36
N VAL G 44 -26.55 -30.07 -23.82
CA VAL G 44 -27.67 -30.93 -23.43
C VAL G 44 -28.98 -30.37 -23.94
N SER G 45 -29.78 -31.21 -24.59
CA SER G 45 -31.06 -30.76 -25.10
C SER G 45 -32.13 -31.13 -24.09
N LEU G 46 -32.73 -30.13 -23.46
CA LEU G 46 -33.70 -30.40 -22.42
C LEU G 46 -35.06 -29.95 -22.87
N ASN G 47 -36.03 -30.84 -22.76
CA ASN G 47 -37.40 -30.55 -23.12
C ASN G 47 -38.23 -30.20 -21.89
N SER G 48 -38.64 -28.94 -21.82
CA SER G 48 -39.29 -28.41 -20.64
C SER G 48 -40.50 -27.57 -21.02
N GLN G 49 -41.64 -27.87 -20.42
CA GLN G 49 -42.87 -27.17 -20.76
C GLN G 49 -43.25 -27.45 -22.21
N GLY G 50 -42.73 -28.55 -22.76
CA GLY G 50 -42.96 -28.87 -24.16
C GLY G 50 -42.14 -28.03 -25.13
N LYS G 51 -41.16 -27.32 -24.59
CA LYS G 51 -40.25 -26.49 -25.39
C LYS G 51 -38.83 -27.05 -25.34
N GLN G 52 -38.15 -27.10 -26.48
CA GLN G 52 -36.77 -27.54 -26.53
C GLN G 52 -35.78 -26.46 -26.08
N HIS G 53 -34.79 -26.85 -25.27
CA HIS G 53 -33.76 -25.96 -24.75
C HIS G 53 -32.40 -26.57 -25.01
N LEU G 54 -31.55 -25.82 -25.69
CA LEU G 54 -30.19 -26.27 -25.94
C LEU G 54 -29.29 -25.58 -24.93
N ILE G 55 -28.75 -26.36 -24.01
CA ILE G 55 -28.06 -25.83 -22.83
C ILE G 55 -26.61 -26.22 -22.83
N TYR G 56 -25.72 -25.24 -22.66
CA TYR G 56 -24.30 -25.53 -22.49
C TYR G 56 -23.98 -26.14 -21.14
N LYS G 57 -23.21 -27.21 -21.13
CA LYS G 57 -22.81 -27.82 -19.87
C LYS G 57 -22.09 -26.80 -18.97
N HIS G 58 -21.36 -25.88 -19.57
CA HIS G 58 -20.65 -24.89 -18.78
C HIS G 58 -21.60 -24.00 -17.99
N ALA G 59 -22.88 -23.99 -18.36
CA ALA G 59 -23.86 -23.20 -17.61
C ALA G 59 -24.53 -23.97 -16.46
N ILE G 60 -24.33 -25.29 -16.41
CA ILE G 60 -25.04 -26.16 -15.47
C ILE G 60 -24.25 -26.38 -14.17
N SER G 61 -24.92 -26.26 -13.03
CA SER G 61 -24.36 -26.70 -11.74
C SER G 61 -24.67 -28.16 -11.44
N THR G 62 -25.95 -28.50 -11.43
CA THR G 62 -26.42 -29.80 -10.93
C THR G 62 -27.61 -30.32 -11.70
N TYR G 63 -27.70 -31.63 -11.82
CA TYR G 63 -28.95 -32.28 -12.21
C TYR G 63 -29.53 -32.99 -10.99
N THR G 64 -30.79 -32.74 -10.70
CA THR G 64 -31.48 -33.38 -9.59
C THR G 64 -32.69 -34.16 -10.06
N VAL G 65 -32.94 -35.31 -9.43
CA VAL G 65 -34.15 -36.08 -9.73
C VAL G 65 -35.12 -36.11 -8.56
N GLU H 5 0.88 -38.16 -6.52
CA GLU H 5 -0.07 -37.54 -5.60
C GLU H 5 -1.11 -36.67 -6.30
N ASN H 6 -2.27 -37.26 -6.58
CA ASN H 6 -3.42 -36.50 -7.05
C ASN H 6 -4.39 -36.30 -5.89
N ILE H 7 -4.27 -35.16 -5.20
CA ILE H 7 -5.01 -34.90 -3.97
C ILE H 7 -6.52 -34.99 -4.16
N GLN H 8 -7.00 -34.47 -5.29
CA GLN H 8 -8.43 -34.48 -5.57
C GLN H 8 -9.00 -35.91 -5.64
N ASP H 9 -8.32 -36.78 -6.37
CA ASP H 9 -8.80 -38.16 -6.51
C ASP H 9 -8.59 -38.92 -5.20
N LYS H 10 -7.42 -38.77 -4.59
CA LYS H 10 -7.20 -39.42 -3.30
C LYS H 10 -8.27 -39.02 -2.29
N ALA H 11 -8.62 -37.74 -2.26
CA ALA H 11 -9.63 -37.27 -1.32
C ALA H 11 -11.02 -37.82 -1.66
N LEU H 12 -11.37 -37.79 -2.93
CA LEU H 12 -12.68 -38.26 -3.38
C LEU H 12 -12.85 -39.75 -3.11
N GLU H 13 -11.81 -40.52 -3.39
CA GLU H 13 -11.89 -41.96 -3.14
C GLU H 13 -12.08 -42.21 -1.65
N ASN H 14 -11.45 -41.38 -0.81
CA ASN H 14 -11.59 -41.49 0.62
C ASN H 14 -13.01 -41.15 1.05
N PHE H 15 -13.56 -40.06 0.52
CA PHE H 15 -14.93 -39.69 0.83
C PHE H 15 -15.90 -40.79 0.41
N LYS H 16 -15.60 -41.46 -0.70
CA LYS H 16 -16.49 -42.50 -1.17
C LYS H 16 -16.38 -43.76 -0.30
N ALA H 17 -15.16 -44.25 -0.09
CA ALA H 17 -14.97 -45.47 0.69
C ALA H 17 -15.52 -45.34 2.11
N ASN H 18 -15.32 -44.19 2.74
CA ASN H 18 -15.74 -43.99 4.11
C ASN H 18 -17.14 -43.38 4.25
N GLN H 19 -17.78 -43.04 3.12
CA GLN H 19 -19.07 -42.36 3.17
C GLN H 19 -19.06 -41.17 4.13
N THR H 20 -17.99 -40.41 4.11
CA THR H 20 -17.92 -39.31 5.08
C THR H 20 -18.91 -38.23 4.67
N GLU H 21 -19.39 -37.48 5.65
CA GLU H 21 -20.38 -36.43 5.41
C GLU H 21 -19.64 -35.24 4.86
N VAL H 22 -19.97 -34.85 3.62
CA VAL H 22 -19.26 -33.76 2.96
C VAL H 22 -20.21 -32.60 2.65
N THR H 23 -19.78 -31.39 2.97
CA THR H 23 -20.51 -30.23 2.48
C THR H 23 -19.86 -29.71 1.20
N VAL H 24 -20.68 -29.53 0.18
CA VAL H 24 -20.22 -29.02 -1.09
C VAL H 24 -20.69 -27.58 -1.19
N PHE H 25 -19.75 -26.64 -1.33
CA PHE H 25 -20.09 -25.25 -1.59
C PHE H 25 -19.94 -24.98 -3.06
N PHE H 26 -20.96 -24.36 -3.66
CA PHE H 26 -20.91 -24.00 -5.07
C PHE H 26 -20.44 -22.55 -5.24
N LEU H 27 -19.95 -22.22 -6.43
CA LEU H 27 -19.55 -20.86 -6.77
C LEU H 27 -20.62 -19.82 -6.45
N ASN H 28 -21.89 -20.18 -6.51
CA ASN H 28 -22.94 -19.18 -6.29
C ASN H 28 -23.28 -19.08 -4.82
N GLY H 29 -22.37 -19.57 -3.98
CA GLY H 29 -22.48 -19.39 -2.55
C GLY H 29 -23.39 -20.40 -1.88
N PHE H 30 -24.23 -21.05 -2.68
CA PHE H 30 -25.10 -22.11 -2.15
C PHE H 30 -24.30 -23.33 -1.67
N GLN H 31 -24.93 -24.14 -0.82
CA GLN H 31 -24.24 -25.31 -0.29
C GLN H 31 -25.15 -26.52 -0.14
N MET H 32 -24.53 -27.68 0.01
CA MET H 32 -25.24 -28.93 -0.04
C MET H 32 -24.46 -29.99 0.73
N LYS H 33 -25.09 -30.57 1.75
CA LYS H 33 -24.44 -31.60 2.54
C LYS H 33 -24.91 -32.98 2.07
N GLY H 34 -24.03 -33.97 2.11
CA GLY H 34 -24.39 -35.31 1.73
C GLY H 34 -23.18 -36.23 1.65
N VAL H 35 -23.36 -37.37 0.99
CA VAL H 35 -22.30 -38.34 0.83
C VAL H 35 -22.06 -38.63 -0.65
N ILE H 36 -20.81 -38.89 -1.00
CA ILE H 36 -20.45 -39.11 -2.39
C ILE H 36 -20.59 -40.58 -2.77
N GLU H 37 -21.35 -40.84 -3.84
CA GLU H 37 -21.56 -42.20 -4.29
C GLU H 37 -20.60 -42.55 -5.42
N GLU H 38 -20.35 -41.57 -6.29
CA GLU H 38 -19.55 -41.79 -7.50
C GLU H 38 -18.90 -40.50 -7.93
N TYR H 39 -17.80 -40.61 -8.66
CA TYR H 39 -17.17 -39.41 -9.20
C TYR H 39 -16.35 -39.80 -10.41
N ASP H 40 -16.15 -38.84 -11.31
CA ASP H 40 -15.21 -39.03 -12.41
C ASP H 40 -14.48 -37.73 -12.69
N LYS H 41 -13.94 -37.60 -13.88
CA LYS H 41 -13.15 -36.44 -14.23
C LYS H 41 -13.95 -35.14 -14.16
N TYR H 42 -15.25 -35.21 -14.45
CA TYR H 42 -16.05 -34.00 -14.60
C TYR H 42 -17.18 -33.82 -13.59
N VAL H 43 -17.60 -34.91 -12.94
CA VAL H 43 -18.77 -34.80 -12.10
C VAL H 43 -18.60 -35.54 -10.79
N VAL H 44 -19.47 -35.22 -9.87
CA VAL H 44 -19.52 -35.87 -8.57
C VAL H 44 -20.98 -36.21 -8.34
N SER H 45 -21.24 -37.42 -7.84
CA SER H 45 -22.60 -37.80 -7.50
C SER H 45 -22.78 -37.75 -5.98
N LEU H 46 -23.70 -36.91 -5.53
CA LEU H 46 -23.85 -36.64 -4.12
C LEU H 46 -25.25 -37.03 -3.63
N ASN H 47 -25.32 -38.09 -2.81
CA ASN H 47 -26.58 -38.45 -2.17
C ASN H 47 -26.89 -37.52 -1.01
N SER H 48 -27.98 -36.79 -1.13
CA SER H 48 -28.31 -35.77 -0.14
C SER H 48 -29.82 -35.65 0.05
N GLN H 49 -30.25 -35.81 1.31
CA GLN H 49 -31.68 -35.77 1.66
C GLN H 49 -32.48 -36.82 0.89
N GLY H 50 -31.87 -37.97 0.63
CA GLY H 50 -32.51 -39.02 -0.16
C GLY H 50 -32.54 -38.72 -1.64
N LYS H 51 -32.20 -37.49 -2.01
CA LYS H 51 -32.15 -37.10 -3.42
C LYS H 51 -30.76 -37.33 -4.01
N GLN H 52 -30.72 -37.69 -5.29
CA GLN H 52 -29.45 -37.86 -5.98
C GLN H 52 -29.09 -36.64 -6.82
N HIS H 53 -27.89 -36.14 -6.61
CA HIS H 53 -27.43 -34.97 -7.35
C HIS H 53 -26.22 -35.34 -8.18
N LEU H 54 -26.22 -34.90 -9.43
CA LEU H 54 -25.06 -35.08 -10.28
C LEU H 54 -24.52 -33.67 -10.45
N ILE H 55 -23.32 -33.42 -9.97
CA ILE H 55 -22.80 -32.05 -9.88
C ILE H 55 -21.58 -31.93 -10.74
N TYR H 56 -21.52 -30.87 -11.54
CA TYR H 56 -20.29 -30.60 -12.29
C TYR H 56 -19.25 -29.99 -11.38
N LYS H 57 -18.04 -30.50 -11.48
CA LYS H 57 -16.90 -29.95 -10.76
C LYS H 57 -16.67 -28.47 -11.06
N HIS H 58 -16.92 -28.03 -12.30
CA HIS H 58 -16.69 -26.63 -12.67
C HIS H 58 -17.59 -25.71 -11.88
N ALA H 59 -18.65 -26.26 -11.29
CA ALA H 59 -19.56 -25.45 -10.50
C ALA H 59 -19.23 -25.50 -9.01
N ILE H 60 -18.19 -26.25 -8.66
CA ILE H 60 -17.87 -26.44 -7.24
C ILE H 60 -16.72 -25.54 -6.77
N SER H 61 -16.96 -24.84 -5.68
CA SER H 61 -15.91 -24.06 -5.04
C SER H 61 -15.06 -24.92 -4.07
N THR H 62 -15.73 -25.56 -3.11
CA THR H 62 -15.06 -26.29 -2.03
C THR H 62 -15.81 -27.54 -1.56
N TYR H 63 -15.06 -28.55 -1.12
CA TYR H 63 -15.59 -29.65 -0.30
C TYR H 63 -15.10 -29.45 1.13
N THR H 64 -16.00 -29.45 2.11
CA THR H 64 -15.52 -29.36 3.47
C THR H 64 -16.05 -30.49 4.35
N VAL H 65 -15.16 -31.05 5.16
CA VAL H 65 -15.53 -32.12 6.10
C VAL H 65 -15.02 -31.83 7.50
N GLU H 66 -15.51 -32.60 8.46
CA GLU H 66 -15.00 -32.63 9.83
C GLU H 66 -14.30 -33.98 10.07
N GLU I 5 -22.71 -35.83 -35.23
CA GLU I 5 -22.74 -36.26 -33.84
C GLU I 5 -22.77 -35.04 -32.91
N ASN I 6 -22.33 -33.90 -33.42
CA ASN I 6 -22.30 -32.67 -32.63
C ASN I 6 -23.64 -31.92 -32.67
N ILE I 7 -24.41 -32.12 -31.62
CA ILE I 7 -25.73 -31.53 -31.48
C ILE I 7 -25.69 -29.99 -31.58
N GLN I 8 -24.67 -29.36 -31.01
CA GLN I 8 -24.55 -27.91 -31.05
C GLN I 8 -24.57 -27.34 -32.47
N ASP I 9 -23.66 -27.79 -33.31
CA ASP I 9 -23.53 -27.29 -34.68
C ASP I 9 -24.80 -27.53 -35.51
N LYS I 10 -25.37 -28.73 -35.41
CA LYS I 10 -26.61 -29.05 -36.12
C LYS I 10 -27.72 -28.05 -35.80
N ALA I 11 -27.88 -27.72 -34.51
CA ALA I 11 -28.93 -26.79 -34.11
C ALA I 11 -28.62 -25.35 -34.55
N LEU I 12 -27.35 -24.96 -34.50
CA LEU I 12 -26.96 -23.61 -34.89
C LEU I 12 -27.16 -23.45 -36.40
N GLU I 13 -26.61 -24.37 -37.19
CA GLU I 13 -26.84 -24.41 -38.63
C GLU I 13 -28.32 -24.34 -39.02
N ASN I 14 -29.17 -25.01 -38.27
CA ASN I 14 -30.61 -25.02 -38.54
C ASN I 14 -31.30 -23.70 -38.17
N PHE I 15 -30.89 -23.09 -37.06
CA PHE I 15 -31.39 -21.77 -36.67
C PHE I 15 -31.05 -20.74 -37.76
N LYS I 16 -29.82 -20.84 -38.24
CA LYS I 16 -29.30 -19.93 -39.26
C LYS I 16 -30.02 -20.12 -40.61
N ALA I 17 -30.16 -21.38 -41.03
CA ALA I 17 -30.77 -21.69 -42.34
C ALA I 17 -32.21 -21.19 -42.40
N ASN I 18 -32.93 -21.29 -41.28
CA ASN I 18 -34.33 -20.94 -41.26
C ASN I 18 -34.57 -19.54 -40.72
N GLN I 19 -33.48 -18.83 -40.44
CA GLN I 19 -33.61 -17.46 -39.94
C GLN I 19 -34.55 -17.44 -38.76
N THR I 20 -34.41 -18.44 -37.90
CA THR I 20 -35.25 -18.56 -36.73
C THR I 20 -34.94 -17.45 -35.71
N GLU I 21 -35.98 -16.89 -35.11
CA GLU I 21 -35.82 -15.92 -34.02
C GLU I 21 -35.56 -16.65 -32.71
N VAL I 22 -34.29 -16.73 -32.32
CA VAL I 22 -33.90 -17.54 -31.18
C VAL I 22 -33.68 -16.69 -29.94
N THR I 23 -34.15 -17.17 -28.80
CA THR I 23 -33.89 -16.49 -27.53
C THR I 23 -32.62 -17.05 -26.91
N VAL I 24 -31.71 -16.15 -26.57
CA VAL I 24 -30.41 -16.50 -26.02
C VAL I 24 -30.27 -16.02 -24.58
N PHE I 25 -30.08 -16.96 -23.66
CA PHE I 25 -29.86 -16.63 -22.25
C PHE I 25 -28.38 -16.61 -21.93
N PHE I 26 -27.96 -15.64 -21.15
CA PHE I 26 -26.55 -15.53 -20.80
C PHE I 26 -26.36 -16.08 -19.42
N LEU I 27 -25.12 -16.40 -19.09
CA LEU I 27 -24.77 -16.88 -17.76
C LEU I 27 -25.35 -16.00 -16.66
N ASN I 28 -25.30 -14.68 -16.87
CA ASN I 28 -25.78 -13.77 -15.84
C ASN I 28 -27.28 -13.53 -15.91
N GLY I 29 -27.98 -14.40 -16.63
CA GLY I 29 -29.42 -14.26 -16.77
C GLY I 29 -29.89 -13.18 -17.73
N PHE I 30 -28.96 -12.43 -18.34
CA PHE I 30 -29.38 -11.51 -19.40
C PHE I 30 -30.04 -12.30 -20.54
N GLN I 31 -31.05 -11.70 -21.15
CA GLN I 31 -31.86 -12.37 -22.16
C GLN I 31 -31.94 -11.50 -23.41
N MET I 32 -31.70 -12.10 -24.58
CA MET I 32 -31.96 -11.39 -25.83
C MET I 32 -32.43 -12.32 -26.95
N LYS I 33 -33.19 -11.76 -27.89
CA LYS I 33 -33.81 -12.50 -28.96
C LYS I 33 -33.26 -12.02 -30.30
N GLY I 34 -33.16 -12.92 -31.27
CA GLY I 34 -32.65 -12.54 -32.58
C GLY I 34 -32.36 -13.72 -33.48
N VAL I 35 -31.68 -13.46 -34.58
CA VAL I 35 -31.40 -14.48 -35.57
C VAL I 35 -29.91 -14.78 -35.60
N ILE I 36 -29.57 -16.06 -35.59
CA ILE I 36 -28.20 -16.45 -35.82
C ILE I 36 -27.81 -16.13 -37.27
N GLU I 37 -26.80 -15.29 -37.46
CA GLU I 37 -26.35 -14.99 -38.80
C GLU I 37 -25.05 -15.74 -39.13
N GLU I 38 -24.36 -16.22 -38.10
CA GLU I 38 -23.13 -16.99 -38.29
C GLU I 38 -22.60 -17.44 -36.95
N TYR I 39 -21.68 -18.41 -36.98
CA TYR I 39 -21.16 -18.97 -35.74
C TYR I 39 -19.89 -19.76 -35.99
N ASP I 40 -19.04 -19.85 -34.99
CA ASP I 40 -17.88 -20.71 -35.10
C ASP I 40 -17.64 -21.42 -33.78
N LYS I 41 -16.45 -21.98 -33.63
CA LYS I 41 -16.07 -22.75 -32.45
C LYS I 41 -16.07 -21.93 -31.16
N TYR I 42 -16.05 -20.62 -31.28
CA TYR I 42 -15.92 -19.75 -30.11
C TYR I 42 -17.03 -18.71 -29.99
N VAL I 43 -17.58 -18.28 -31.12
CA VAL I 43 -18.48 -17.13 -31.09
C VAL I 43 -19.77 -17.37 -31.84
N VAL I 44 -20.84 -16.72 -31.40
CA VAL I 44 -22.07 -16.69 -32.17
C VAL I 44 -22.37 -15.23 -32.59
N SER I 45 -22.84 -15.05 -33.81
CA SER I 45 -23.22 -13.73 -34.31
C SER I 45 -24.74 -13.61 -34.37
N LEU I 46 -25.27 -12.73 -33.52
CA LEU I 46 -26.71 -12.58 -33.38
C LEU I 46 -27.14 -11.22 -33.90
N ASN I 47 -28.00 -11.25 -34.91
CA ASN I 47 -28.62 -10.05 -35.41
C ASN I 47 -29.88 -9.87 -34.58
N SER I 48 -29.86 -8.84 -33.74
CA SER I 48 -30.99 -8.54 -32.89
C SER I 48 -31.42 -7.10 -33.14
N GLN I 49 -32.69 -6.91 -33.48
CA GLN I 49 -33.21 -5.57 -33.73
C GLN I 49 -32.30 -4.84 -34.72
N GLY I 50 -31.98 -5.51 -35.82
CA GLY I 50 -31.14 -4.93 -36.86
C GLY I 50 -29.68 -4.76 -36.49
N LYS I 51 -29.36 -4.86 -35.20
CA LYS I 51 -27.98 -4.68 -34.73
C LYS I 51 -27.26 -6.01 -34.54
N GLN I 52 -25.99 -6.06 -34.94
CA GLN I 52 -25.18 -7.26 -34.79
C GLN I 52 -24.57 -7.33 -33.38
N HIS I 53 -24.61 -8.52 -32.78
CA HIS I 53 -23.89 -8.78 -31.53
C HIS I 53 -22.99 -9.98 -31.68
N LEU I 54 -21.70 -9.79 -31.45
CA LEU I 54 -20.79 -10.93 -31.42
C LEU I 54 -20.65 -11.44 -29.98
N ILE I 55 -21.22 -12.61 -29.72
CA ILE I 55 -21.28 -13.21 -28.39
C ILE I 55 -20.33 -14.40 -28.27
N TYR I 56 -19.56 -14.45 -27.19
CA TYR I 56 -18.71 -15.60 -26.89
C TYR I 56 -19.55 -16.77 -26.36
N LYS I 57 -19.23 -17.97 -26.78
CA LYS I 57 -20.01 -19.11 -26.29
C LYS I 57 -19.88 -19.28 -24.78
N HIS I 58 -18.71 -18.96 -24.23
CA HIS I 58 -18.51 -19.07 -22.79
C HIS I 58 -19.52 -18.23 -22.01
N ALA I 59 -20.11 -17.23 -22.65
CA ALA I 59 -21.05 -16.33 -21.97
C ALA I 59 -22.49 -16.81 -22.08
N ILE I 60 -22.70 -17.87 -22.85
CA ILE I 60 -24.05 -18.31 -23.18
C ILE I 60 -24.47 -19.46 -22.26
N SER I 61 -25.69 -19.36 -21.75
CA SER I 61 -26.30 -20.44 -20.99
C SER I 61 -27.14 -21.35 -21.89
N THR I 62 -28.11 -20.77 -22.58
CA THR I 62 -29.17 -21.54 -23.23
C THR I 62 -29.74 -20.89 -24.50
N TYR I 63 -30.02 -21.73 -25.50
CA TYR I 63 -30.73 -21.30 -26.73
C TYR I 63 -32.16 -21.82 -26.67
N THR I 64 -33.12 -20.94 -26.89
CA THR I 64 -34.53 -21.32 -26.86
C THR I 64 -35.25 -20.77 -28.08
N VAL I 65 -36.32 -21.41 -28.47
CA VAL I 65 -37.20 -20.83 -29.49
C VAL I 65 -38.61 -20.63 -28.95
N ASN J 6 -12.14 -17.31 -39.37
CA ASN J 6 -12.43 -17.18 -37.95
C ASN J 6 -13.28 -15.94 -37.66
N ILE J 7 -14.53 -16.17 -37.25
CA ILE J 7 -15.48 -15.08 -37.07
C ILE J 7 -14.95 -14.02 -36.13
N GLN J 8 -14.42 -14.48 -35.01
CA GLN J 8 -13.91 -13.59 -33.99
C GLN J 8 -12.82 -12.69 -34.56
N ASP J 9 -11.75 -13.29 -35.07
CA ASP J 9 -10.59 -12.52 -35.46
C ASP J 9 -10.84 -11.66 -36.70
N LYS J 10 -11.81 -12.06 -37.53
CA LYS J 10 -12.22 -11.25 -38.66
C LYS J 10 -12.91 -9.97 -38.19
N ALA J 11 -13.55 -10.02 -37.03
CA ALA J 11 -14.30 -8.87 -36.52
C ALA J 11 -13.40 -7.91 -35.76
N LEU J 12 -12.50 -8.45 -34.97
CA LEU J 12 -11.57 -7.63 -34.21
C LEU J 12 -10.65 -6.84 -35.15
N GLU J 13 -10.19 -7.49 -36.21
CA GLU J 13 -9.33 -6.83 -37.18
C GLU J 13 -10.08 -5.66 -37.82
N ASN J 14 -11.35 -5.90 -38.13
CA ASN J 14 -12.19 -4.85 -38.69
C ASN J 14 -12.44 -3.71 -37.70
N PHE J 15 -12.84 -4.05 -36.47
CA PHE J 15 -13.00 -3.04 -35.43
C PHE J 15 -11.73 -2.22 -35.35
N LYS J 16 -10.60 -2.92 -35.41
CA LYS J 16 -9.30 -2.32 -35.23
C LYS J 16 -8.94 -1.44 -36.43
N ALA J 17 -9.01 -2.04 -37.62
CA ALA J 17 -8.69 -1.32 -38.88
C ALA J 17 -9.49 -0.03 -38.99
N ASN J 18 -10.78 -0.12 -38.70
CA ASN J 18 -11.69 1.02 -38.88
C ASN J 18 -11.77 1.94 -37.67
N GLN J 19 -11.07 1.56 -36.59
CA GLN J 19 -11.08 2.34 -35.37
C GLN J 19 -12.50 2.54 -34.80
N THR J 20 -13.36 1.53 -34.97
CA THR J 20 -14.74 1.59 -34.48
C THR J 20 -14.81 1.87 -32.98
N GLU J 21 -15.83 2.62 -32.58
CA GLU J 21 -16.15 2.73 -31.17
C GLU J 21 -16.99 1.50 -30.78
N VAL J 22 -16.33 0.45 -30.30
CA VAL J 22 -17.03 -0.78 -29.93
C VAL J 22 -17.47 -0.76 -28.47
N THR J 23 -18.70 -1.17 -28.22
CA THR J 23 -19.16 -1.44 -26.85
C THR J 23 -18.87 -2.89 -26.45
N VAL J 24 -18.21 -3.06 -25.31
CA VAL J 24 -17.88 -4.39 -24.79
C VAL J 24 -18.68 -4.70 -23.52
N PHE J 25 -19.40 -5.83 -23.54
CA PHE J 25 -20.14 -6.30 -22.37
C PHE J 25 -19.38 -7.41 -21.65
N PHE J 26 -19.37 -7.36 -20.32
CA PHE J 26 -18.67 -8.33 -19.50
C PHE J 26 -19.62 -9.36 -18.91
N LEU J 27 -19.09 -10.55 -18.59
CA LEU J 27 -19.91 -11.60 -17.99
C LEU J 27 -20.76 -11.07 -16.84
N ASN J 28 -20.20 -10.18 -16.04
CA ASN J 28 -20.92 -9.58 -14.91
C ASN J 28 -21.88 -8.44 -15.29
N GLY J 29 -22.11 -8.25 -16.59
CA GLY J 29 -23.05 -7.26 -17.06
C GLY J 29 -22.50 -5.84 -17.15
N PHE J 30 -21.26 -5.65 -16.71
CA PHE J 30 -20.61 -4.36 -16.87
C PHE J 30 -20.51 -4.04 -18.35
N GLN J 31 -20.29 -2.75 -18.65
CA GLN J 31 -20.23 -2.26 -20.02
C GLN J 31 -19.15 -1.21 -20.22
N MET J 32 -18.33 -1.39 -21.24
CA MET J 32 -17.23 -0.51 -21.54
C MET J 32 -17.33 -0.09 -23.01
N LYS J 33 -17.00 1.17 -23.32
CA LYS J 33 -17.10 1.66 -24.69
C LYS J 33 -15.79 2.30 -25.14
N GLY J 34 -15.20 1.81 -26.23
CA GLY J 34 -13.91 2.32 -26.66
C GLY J 34 -13.41 1.80 -27.99
N VAL J 35 -12.13 1.99 -28.26
CA VAL J 35 -11.56 1.61 -29.55
C VAL J 35 -10.51 0.53 -29.41
N ILE J 36 -10.62 -0.52 -30.22
CA ILE J 36 -9.69 -1.62 -30.13
C ILE J 36 -8.33 -1.29 -30.73
N GLU J 37 -7.35 -1.05 -29.86
CA GLU J 37 -5.99 -0.77 -30.29
C GLU J 37 -5.31 -2.05 -30.76
N GLU J 38 -5.58 -3.14 -30.06
CA GLU J 38 -5.12 -4.46 -30.51
C GLU J 38 -5.71 -5.59 -29.70
N TYR J 39 -5.12 -6.77 -29.89
CA TYR J 39 -5.71 -8.00 -29.39
C TYR J 39 -4.82 -9.18 -29.76
N ASP J 40 -4.97 -10.26 -29.00
CA ASP J 40 -4.36 -11.54 -29.31
C ASP J 40 -5.31 -12.66 -28.87
N LYS J 41 -4.80 -13.88 -28.76
CA LYS J 41 -5.66 -15.00 -28.41
C LYS J 41 -6.41 -14.77 -27.09
N TYR J 42 -5.77 -14.09 -26.15
CA TYR J 42 -6.26 -14.05 -24.78
C TYR J 42 -6.86 -12.72 -24.36
N VAL J 43 -6.35 -11.64 -24.93
CA VAL J 43 -6.75 -10.32 -24.47
C VAL J 43 -7.09 -9.37 -25.62
N VAL J 44 -7.79 -8.31 -25.28
CA VAL J 44 -8.07 -7.23 -26.20
C VAL J 44 -7.64 -5.96 -25.47
N SER J 45 -6.94 -5.08 -26.17
CA SER J 45 -6.60 -3.79 -25.60
C SER J 45 -7.53 -2.71 -26.15
N LEU J 46 -8.21 -2.02 -25.25
CA LEU J 46 -9.23 -1.06 -25.61
C LEU J 46 -8.91 0.31 -25.02
N ASN J 47 -8.71 1.31 -25.89
CA ASN J 47 -8.53 2.68 -25.42
C ASN J 47 -9.87 3.35 -25.15
N SER J 48 -10.15 3.66 -23.89
CA SER J 48 -11.41 4.31 -23.53
C SER J 48 -11.16 5.63 -22.82
N GLN J 49 -11.19 6.72 -23.59
CA GLN J 49 -11.06 8.07 -23.07
C GLN J 49 -9.89 8.23 -22.10
N GLY J 50 -8.67 8.30 -22.65
CA GLY J 50 -7.50 8.61 -21.85
C GLY J 50 -7.22 7.57 -20.78
N LYS J 51 -7.59 6.33 -21.10
CA LYS J 51 -7.36 5.20 -20.23
C LYS J 51 -7.13 3.97 -21.12
N GLN J 52 -6.01 3.29 -20.90
CA GLN J 52 -5.73 2.03 -21.57
C GLN J 52 -6.25 0.83 -20.76
N HIS J 53 -7.12 0.03 -21.34
CA HIS J 53 -7.66 -1.17 -20.68
C HIS J 53 -7.25 -2.42 -21.44
N LEU J 54 -6.59 -3.35 -20.74
CA LEU J 54 -6.25 -4.63 -21.33
C LEU J 54 -7.17 -5.70 -20.75
N ILE J 55 -8.01 -6.28 -21.61
CA ILE J 55 -9.10 -7.14 -21.17
C ILE J 55 -8.90 -8.62 -21.53
N TYR J 56 -9.17 -9.49 -20.57
CA TYR J 56 -9.17 -10.91 -20.84
C TYR J 56 -10.44 -11.28 -21.57
N LYS J 57 -10.30 -11.96 -22.70
CA LYS J 57 -11.46 -12.45 -23.42
C LYS J 57 -12.38 -13.29 -22.51
N HIS J 58 -11.78 -14.02 -21.57
CA HIS J 58 -12.58 -14.88 -20.70
C HIS J 58 -13.59 -14.07 -19.88
N ALA J 59 -13.41 -12.76 -19.80
CA ALA J 59 -14.36 -11.94 -19.05
C ALA J 59 -15.36 -11.23 -19.96
N ILE J 60 -15.16 -11.38 -21.27
CA ILE J 60 -16.06 -10.73 -22.21
C ILE J 60 -17.30 -11.56 -22.54
N SER J 61 -18.44 -10.89 -22.54
CA SER J 61 -19.69 -11.44 -22.97
C SER J 61 -19.95 -11.18 -24.47
N THR J 62 -19.91 -9.90 -24.88
CA THR J 62 -20.37 -9.53 -26.22
C THR J 62 -19.73 -8.24 -26.78
N TYR J 63 -19.49 -8.21 -28.09
CA TYR J 63 -19.10 -6.98 -28.77
C TYR J 63 -20.26 -6.44 -29.57
N THR J 64 -20.55 -5.16 -29.41
CA THR J 64 -21.53 -4.48 -30.26
C THR J 64 -21.01 -3.11 -30.68
N VAL J 65 -21.51 -2.62 -31.81
CA VAL J 65 -21.13 -1.30 -32.31
C VAL J 65 -22.17 -0.26 -31.89
N ASN K 6 2.79 -11.17 -28.43
CA ASN K 6 2.09 -11.43 -27.17
C ASN K 6 1.78 -10.10 -26.48
N ILE K 7 0.56 -9.61 -26.67
CA ILE K 7 0.18 -8.34 -26.10
C ILE K 7 0.19 -8.43 -24.58
N GLN K 8 -0.45 -9.47 -24.06
CA GLN K 8 -0.59 -9.65 -22.63
C GLN K 8 0.75 -9.57 -21.93
N ASP K 9 1.69 -10.44 -22.34
CA ASP K 9 2.96 -10.54 -21.66
C ASP K 9 3.82 -9.29 -21.75
N LYS K 10 3.77 -8.62 -22.90
CA LYS K 10 4.50 -7.38 -23.07
C LYS K 10 3.90 -6.30 -22.18
N ALA K 11 2.58 -6.29 -22.06
CA ALA K 11 1.92 -5.29 -21.22
C ALA K 11 2.37 -5.47 -19.76
N LEU K 12 2.31 -6.71 -19.29
CA LEU K 12 2.64 -7.01 -17.89
C LEU K 12 4.13 -6.78 -17.63
N GLU K 13 4.97 -7.04 -18.64
CA GLU K 13 6.41 -6.86 -18.49
C GLU K 13 6.75 -5.38 -18.38
N ASN K 14 5.99 -4.58 -19.11
CA ASN K 14 6.04 -3.13 -19.03
C ASN K 14 5.59 -2.66 -17.65
N PHE K 15 4.45 -3.16 -17.19
CA PHE K 15 3.93 -2.79 -15.88
C PHE K 15 4.96 -3.10 -14.79
N LYS K 16 5.52 -4.31 -14.87
CA LYS K 16 6.51 -4.75 -13.91
C LYS K 16 7.79 -3.93 -13.97
N ALA K 17 8.34 -3.79 -15.17
CA ALA K 17 9.62 -3.10 -15.35
C ALA K 17 9.52 -1.66 -14.86
N ASN K 18 8.44 -0.99 -15.23
CA ASN K 18 8.27 0.43 -14.91
C ASN K 18 7.53 0.70 -13.61
N GLN K 19 7.15 -0.35 -12.87
CA GLN K 19 6.45 -0.18 -11.61
C GLN K 19 5.20 0.68 -11.76
N THR K 20 4.48 0.47 -12.86
CA THR K 20 3.28 1.24 -13.13
C THR K 20 2.20 0.94 -12.08
N GLU K 21 1.59 1.98 -11.53
CA GLU K 21 0.42 1.79 -10.69
C GLU K 21 -0.70 1.28 -11.62
N VAL K 22 -1.09 0.03 -11.45
CA VAL K 22 -2.20 -0.51 -12.25
C VAL K 22 -3.42 -0.85 -11.41
N THR K 23 -4.60 -0.64 -12.00
CA THR K 23 -5.85 -1.09 -11.42
C THR K 23 -6.28 -2.42 -12.02
N VAL K 24 -6.37 -3.44 -11.17
CA VAL K 24 -6.91 -4.71 -11.60
C VAL K 24 -8.38 -4.74 -11.24
N PHE K 25 -9.23 -4.99 -12.23
CA PHE K 25 -10.64 -5.24 -11.95
C PHE K 25 -10.86 -6.75 -11.96
N PHE K 26 -11.74 -7.22 -11.08
CA PHE K 26 -12.02 -8.64 -10.90
C PHE K 26 -13.38 -8.98 -11.50
N LEU K 27 -13.58 -10.25 -11.84
CA LEU K 27 -14.84 -10.65 -12.44
C LEU K 27 -16.03 -10.11 -11.63
N ASN K 28 -15.92 -10.13 -10.32
CA ASN K 28 -17.07 -9.75 -9.51
C ASN K 28 -17.13 -8.26 -9.24
N GLY K 29 -16.53 -7.47 -10.14
CA GLY K 29 -16.55 -6.02 -10.01
C GLY K 29 -15.52 -5.43 -9.05
N PHE K 30 -15.09 -6.20 -8.06
CA PHE K 30 -14.10 -5.70 -7.10
C PHE K 30 -12.92 -5.08 -7.86
N GLN K 31 -12.14 -4.23 -7.18
CA GLN K 31 -11.17 -3.41 -7.86
C GLN K 31 -9.94 -3.12 -6.99
N MET K 32 -8.76 -3.47 -7.48
CA MET K 32 -7.54 -3.28 -6.71
C MET K 32 -6.46 -2.46 -7.45
N LYS K 33 -5.90 -1.45 -6.77
CA LYS K 33 -4.81 -0.67 -7.36
C LYS K 33 -3.48 -1.05 -6.72
N GLY K 34 -2.44 -1.24 -7.53
CA GLY K 34 -1.13 -1.50 -6.96
C GLY K 34 -0.02 -1.68 -7.96
N VAL K 35 1.08 -2.29 -7.53
CA VAL K 35 2.23 -2.48 -8.39
C VAL K 35 2.45 -3.96 -8.66
N ILE K 36 2.68 -4.33 -9.91
CA ILE K 36 2.91 -5.73 -10.23
C ILE K 36 4.38 -6.07 -10.02
N GLU K 37 4.64 -6.91 -9.02
CA GLU K 37 6.00 -7.27 -8.69
C GLU K 37 6.47 -8.49 -9.49
N GLU K 38 5.53 -9.37 -9.85
CA GLU K 38 5.86 -10.54 -10.64
C GLU K 38 4.62 -11.14 -11.31
N TYR K 39 4.85 -12.05 -12.25
CA TYR K 39 3.76 -12.79 -12.88
C TYR K 39 4.30 -14.01 -13.60
N ASP K 40 3.45 -15.03 -13.76
CA ASP K 40 3.80 -16.16 -14.60
C ASP K 40 2.60 -16.48 -15.49
N LYS K 41 2.50 -17.71 -15.98
CA LYS K 41 1.40 -18.02 -16.90
C LYS K 41 0.02 -17.86 -16.26
N TYR K 42 -0.10 -18.19 -14.98
CA TYR K 42 -1.41 -18.24 -14.32
C TYR K 42 -1.73 -17.13 -13.32
N VAL K 43 -0.71 -16.50 -12.78
CA VAL K 43 -0.90 -15.57 -11.68
C VAL K 43 -0.12 -14.28 -11.82
N VAL K 44 -0.62 -13.25 -11.14
CA VAL K 44 0.00 -11.96 -11.06
C VAL K 44 0.21 -11.65 -9.56
N SER K 45 1.43 -11.27 -9.20
CA SER K 45 1.70 -10.84 -7.84
C SER K 45 1.60 -9.32 -7.77
N LEU K 46 0.54 -8.83 -7.14
CA LEU K 46 0.27 -7.40 -7.08
C LEU K 46 0.46 -6.86 -5.66
N ASN K 47 1.39 -5.92 -5.50
CA ASN K 47 1.57 -5.27 -4.18
C ASN K 47 0.59 -4.12 -4.03
N SER K 48 -0.26 -4.18 -3.02
CA SER K 48 -1.25 -3.13 -2.83
C SER K 48 -1.41 -2.85 -1.34
N GLN K 49 -1.44 -1.57 -0.99
CA GLN K 49 -1.52 -1.18 0.42
C GLN K 49 -0.52 -1.96 1.27
N GLY K 50 0.70 -2.11 0.76
CA GLY K 50 1.78 -2.76 1.50
C GLY K 50 1.60 -4.25 1.77
N LYS K 51 0.68 -4.89 1.05
CA LYS K 51 0.51 -6.33 1.18
C LYS K 51 0.56 -7.00 -0.18
N GLN K 52 1.12 -8.20 -0.20
CA GLN K 52 1.20 -8.99 -1.41
C GLN K 52 -0.12 -9.69 -1.67
N HIS K 53 -0.54 -9.69 -2.93
CA HIS K 53 -1.72 -10.41 -3.37
C HIS K 53 -1.32 -11.27 -4.53
N LEU K 54 -1.51 -12.57 -4.38
CA LEU K 54 -1.28 -13.49 -5.49
C LEU K 54 -2.61 -13.80 -6.15
N ILE K 55 -2.79 -13.31 -7.38
CA ILE K 55 -4.07 -13.33 -8.07
C ILE K 55 -4.06 -14.27 -9.28
N TYR K 56 -5.06 -15.16 -9.41
CA TYR K 56 -5.24 -15.96 -10.64
C TYR K 56 -5.78 -15.11 -11.77
N LYS K 57 -5.15 -15.21 -12.93
CA LYS K 57 -5.66 -14.52 -14.11
C LYS K 57 -7.13 -14.81 -14.41
N HIS K 58 -7.62 -16.01 -14.07
CA HIS K 58 -9.01 -16.36 -14.40
C HIS K 58 -9.98 -15.49 -13.61
N ALA K 59 -9.47 -14.89 -12.53
CA ALA K 59 -10.29 -14.00 -11.69
C ALA K 59 -10.26 -12.55 -12.18
N ILE K 60 -9.34 -12.24 -13.08
CA ILE K 60 -9.17 -10.88 -13.59
C ILE K 60 -10.01 -10.62 -14.84
N SER K 61 -10.73 -9.50 -14.82
CA SER K 61 -11.48 -9.13 -16.01
C SER K 61 -10.64 -8.14 -16.83
N THR K 62 -10.10 -7.11 -16.18
CA THR K 62 -9.32 -6.11 -16.90
C THR K 62 -8.19 -5.45 -16.09
N TYR K 63 -7.10 -5.10 -16.78
CA TYR K 63 -6.08 -4.22 -16.21
C TYR K 63 -6.29 -2.83 -16.76
N THR K 64 -6.17 -1.82 -15.92
CA THR K 64 -6.30 -0.46 -16.42
C THR K 64 -5.17 0.41 -15.91
N VAL K 65 -4.57 1.16 -16.83
CA VAL K 65 -3.59 2.19 -16.49
C VAL K 65 -4.13 3.52 -16.97
N GLU K 66 -4.13 4.50 -16.07
CA GLU K 66 -4.44 5.89 -16.41
C GLU K 66 -3.20 6.55 -16.98
N ASN L 6 7.82 -20.82 -11.42
CA ASN L 6 6.48 -20.22 -11.40
C ASN L 6 6.25 -19.50 -10.09
N ILE L 7 5.54 -18.38 -10.17
CA ILE L 7 5.24 -17.57 -9.02
C ILE L 7 4.34 -18.39 -8.07
N GLN L 8 3.30 -18.99 -8.66
CA GLN L 8 2.32 -19.77 -7.93
C GLN L 8 2.92 -20.84 -7.03
N ASP L 9 3.66 -21.77 -7.63
CA ASP L 9 4.20 -22.90 -6.89
C ASP L 9 5.21 -22.47 -5.82
N LYS L 10 5.97 -21.43 -6.12
CA LYS L 10 6.92 -20.90 -5.16
C LYS L 10 6.17 -20.38 -3.95
N ALA L 11 5.07 -19.67 -4.19
CA ALA L 11 4.27 -19.07 -3.13
C ALA L 11 3.47 -20.13 -2.37
N LEU L 12 2.86 -21.06 -3.10
CA LEU L 12 2.11 -22.12 -2.44
C LEU L 12 3.04 -22.96 -1.56
N GLU L 13 4.16 -23.41 -2.13
CA GLU L 13 5.12 -24.23 -1.42
C GLU L 13 5.66 -23.51 -0.17
N ASN L 14 5.75 -22.20 -0.26
CA ASN L 14 6.20 -21.41 0.87
C ASN L 14 5.11 -21.35 1.94
N PHE L 15 3.88 -21.08 1.52
CA PHE L 15 2.77 -21.08 2.48
C PHE L 15 2.68 -22.40 3.23
N LYS L 16 2.98 -23.50 2.52
CA LYS L 16 2.88 -24.85 3.08
C LYS L 16 3.97 -25.19 4.11
N ALA L 17 5.23 -25.07 3.71
CA ALA L 17 6.36 -25.41 4.57
C ALA L 17 6.43 -24.50 5.80
N ASN L 18 6.00 -23.26 5.64
CA ASN L 18 6.01 -22.30 6.73
C ASN L 18 4.74 -22.28 7.56
N GLN L 19 3.72 -23.00 7.10
CA GLN L 19 2.43 -22.99 7.75
C GLN L 19 1.86 -21.59 7.90
N THR L 20 2.10 -20.75 6.91
CA THR L 20 1.62 -19.38 6.94
C THR L 20 0.11 -19.34 6.94
N GLU L 21 -0.47 -18.48 7.78
CA GLU L 21 -1.89 -18.24 7.75
C GLU L 21 -2.24 -17.38 6.53
N VAL L 22 -2.91 -18.00 5.57
CA VAL L 22 -3.24 -17.33 4.31
C VAL L 22 -4.71 -17.00 4.32
N THR L 23 -5.05 -15.87 3.73
CA THR L 23 -6.42 -15.51 3.48
C THR L 23 -6.71 -15.86 2.02
N VAL L 24 -7.71 -16.71 1.80
CA VAL L 24 -8.13 -17.09 0.45
C VAL L 24 -9.43 -16.36 0.07
N PHE L 25 -9.40 -15.60 -1.02
CA PHE L 25 -10.60 -14.93 -1.51
C PHE L 25 -11.17 -15.73 -2.68
N PHE L 26 -12.48 -15.94 -2.70
CA PHE L 26 -13.10 -16.72 -3.77
C PHE L 26 -13.64 -15.79 -4.87
N LEU L 27 -13.91 -16.34 -6.05
CA LEU L 27 -14.40 -15.55 -7.17
C LEU L 27 -15.64 -14.78 -6.76
N ASN L 28 -16.46 -15.40 -5.91
CA ASN L 28 -17.71 -14.79 -5.50
C ASN L 28 -17.60 -13.85 -4.30
N GLY L 29 -16.38 -13.54 -3.88
CA GLY L 29 -16.16 -12.58 -2.81
C GLY L 29 -15.90 -13.19 -1.45
N PHE L 30 -16.37 -14.42 -1.23
CA PHE L 30 -16.18 -15.10 0.06
C PHE L 30 -14.70 -15.18 0.43
N GLN L 31 -14.40 -15.20 1.71
CA GLN L 31 -13.01 -15.40 2.15
C GLN L 31 -12.92 -16.48 3.25
N MET L 32 -11.77 -17.14 3.29
CA MET L 32 -11.46 -18.14 4.30
C MET L 32 -10.03 -17.86 4.75
N LYS L 33 -9.82 -17.81 6.05
CA LYS L 33 -8.45 -17.73 6.55
C LYS L 33 -8.04 -19.11 7.04
N GLY L 34 -6.82 -19.53 6.72
CA GLY L 34 -6.40 -20.84 7.15
C GLY L 34 -4.99 -21.17 6.74
N VAL L 35 -4.63 -22.44 6.91
CA VAL L 35 -3.29 -22.91 6.58
C VAL L 35 -3.35 -23.97 5.51
N ILE L 36 -2.42 -23.91 4.58
CA ILE L 36 -2.41 -24.82 3.43
C ILE L 36 -1.66 -26.09 3.77
N GLU L 37 -2.38 -27.20 3.75
CA GLU L 37 -1.82 -28.48 4.14
C GLU L 37 -1.16 -29.15 2.95
N GLU L 38 -1.74 -28.95 1.78
CA GLU L 38 -1.42 -29.72 0.58
C GLU L 38 -1.99 -28.99 -0.63
N TYR L 39 -1.40 -29.18 -1.80
CA TYR L 39 -1.95 -28.66 -3.04
C TYR L 39 -1.46 -29.48 -4.23
N ASP L 40 -2.15 -29.36 -5.36
CA ASP L 40 -1.64 -29.92 -6.60
C ASP L 40 -2.06 -28.98 -7.72
N LYS L 41 -2.09 -29.50 -8.94
CA LYS L 41 -2.34 -28.64 -10.11
C LYS L 41 -3.72 -27.99 -10.03
N TYR L 42 -4.68 -28.70 -9.45
CA TYR L 42 -6.09 -28.28 -9.50
C TYR L 42 -6.70 -27.86 -8.16
N VAL L 43 -6.11 -28.31 -7.06
CA VAL L 43 -6.76 -28.09 -5.79
C VAL L 43 -5.79 -27.61 -4.74
N VAL L 44 -6.36 -27.02 -3.70
CA VAL L 44 -5.61 -26.64 -2.53
C VAL L 44 -6.37 -27.17 -1.34
N SER L 45 -5.68 -27.88 -0.46
CA SER L 45 -6.26 -28.32 0.80
C SER L 45 -5.99 -27.27 1.89
N LEU L 46 -7.05 -26.68 2.41
CA LEU L 46 -6.91 -25.61 3.40
C LEU L 46 -7.53 -25.97 4.74
N ASN L 47 -6.72 -25.96 5.79
CA ASN L 47 -7.23 -26.16 7.15
C ASN L 47 -7.74 -24.84 7.70
N SER L 48 -9.03 -24.81 8.02
CA SER L 48 -9.66 -23.56 8.39
C SER L 48 -10.84 -23.80 9.32
N GLN L 49 -10.94 -22.97 10.35
CA GLN L 49 -12.03 -23.00 11.30
C GLN L 49 -12.28 -24.38 11.88
N GLY L 50 -11.21 -25.10 12.11
CA GLY L 50 -11.31 -26.42 12.70
C GLY L 50 -11.75 -27.48 11.71
N LYS L 51 -11.76 -27.14 10.43
CA LYS L 51 -12.19 -28.08 9.42
C LYS L 51 -11.22 -28.20 8.27
N GLN L 52 -11.46 -29.20 7.43
CA GLN L 52 -10.62 -29.42 6.27
C GLN L 52 -11.38 -29.08 5.00
N HIS L 53 -10.69 -28.42 4.07
CA HIS L 53 -11.32 -27.95 2.87
C HIS L 53 -10.48 -28.28 1.67
N LEU L 54 -11.13 -28.86 0.66
CA LEU L 54 -10.51 -29.09 -0.60
C LEU L 54 -11.12 -28.06 -1.55
N ILE L 55 -10.33 -27.09 -1.97
CA ILE L 55 -10.81 -25.96 -2.75
C ILE L 55 -10.34 -26.10 -4.19
N TYR L 56 -11.22 -25.91 -5.15
CA TYR L 56 -10.82 -25.82 -6.57
C TYR L 56 -10.16 -24.47 -6.89
N LYS L 57 -8.97 -24.50 -7.48
CA LYS L 57 -8.36 -23.25 -7.90
C LYS L 57 -9.28 -22.42 -8.79
N HIS L 58 -10.07 -23.06 -9.64
CA HIS L 58 -10.93 -22.27 -10.55
C HIS L 58 -11.85 -21.37 -9.76
N ALA L 59 -12.03 -21.64 -8.48
CA ALA L 59 -12.92 -20.84 -7.65
C ALA L 59 -12.22 -19.77 -6.79
N ILE L 60 -10.89 -19.82 -6.76
CA ILE L 60 -10.09 -18.83 -6.04
C ILE L 60 -9.80 -17.57 -6.88
N SER L 61 -9.88 -16.39 -6.29
CA SER L 61 -9.40 -15.21 -6.99
C SER L 61 -8.00 -14.83 -6.51
N THR L 62 -7.82 -14.73 -5.19
CA THR L 62 -6.52 -14.31 -4.67
C THR L 62 -6.11 -14.90 -3.32
N TYR L 63 -4.80 -15.08 -3.13
CA TYR L 63 -4.24 -15.31 -1.81
C TYR L 63 -3.59 -14.04 -1.30
N THR L 64 -3.76 -13.76 -0.02
CA THR L 64 -3.00 -12.72 0.64
C THR L 64 -2.70 -13.16 2.07
N VAL L 65 -1.69 -12.55 2.68
CA VAL L 65 -1.39 -12.85 4.08
C VAL L 65 -1.70 -11.62 4.89
N GLU L 66 -2.84 -11.66 5.61
CA GLU L 66 -3.37 -10.50 6.33
C GLU L 66 -2.67 -10.32 7.67
N ASN M 6 -6.28 -12.10 26.49
CA ASN M 6 -6.77 -12.31 25.13
C ASN M 6 -5.72 -12.94 24.21
N ILE M 7 -4.47 -12.57 24.39
CA ILE M 7 -3.40 -13.01 23.47
C ILE M 7 -3.15 -14.52 23.49
N GLN M 8 -3.16 -15.14 24.67
CA GLN M 8 -2.96 -16.59 24.76
C GLN M 8 -4.06 -17.37 24.06
N ASP M 9 -5.31 -16.98 24.29
CA ASP M 9 -6.45 -17.71 23.77
C ASP M 9 -6.62 -17.41 22.28
N LYS M 10 -6.31 -16.19 21.90
CA LYS M 10 -6.30 -15.79 20.51
C LYS M 10 -5.40 -16.76 19.77
N ALA M 11 -4.20 -16.97 20.31
CA ALA M 11 -3.22 -17.81 19.62
C ALA M 11 -3.57 -19.30 19.68
N LEU M 12 -4.04 -19.79 20.83
CA LEU M 12 -4.47 -21.17 20.93
C LEU M 12 -5.68 -21.46 20.01
N GLU M 13 -6.63 -20.54 19.97
CA GLU M 13 -7.74 -20.68 19.05
C GLU M 13 -7.24 -20.75 17.60
N ASN M 14 -6.21 -19.97 17.29
CA ASN M 14 -5.65 -20.00 15.95
C ASN M 14 -5.04 -21.36 15.57
N PHE M 15 -4.25 -21.92 16.48
CA PHE M 15 -3.57 -23.17 16.23
C PHE M 15 -4.62 -24.25 16.03
N LYS M 16 -5.69 -24.18 16.81
CA LYS M 16 -6.73 -25.20 16.74
C LYS M 16 -7.61 -25.04 15.50
N ALA M 17 -7.94 -23.80 15.16
CA ALA M 17 -8.73 -23.52 13.95
C ALA M 17 -7.97 -23.96 12.70
N ASN M 18 -6.69 -23.61 12.62
CA ASN M 18 -5.88 -23.96 11.45
C ASN M 18 -5.24 -25.34 11.49
N GLN M 19 -5.42 -26.05 12.60
CA GLN M 19 -4.78 -27.35 12.76
C GLN M 19 -3.27 -27.29 12.52
N THR M 20 -2.68 -26.17 12.92
CA THR M 20 -1.26 -25.95 12.84
C THR M 20 -0.42 -27.04 13.49
N GLU M 21 0.67 -27.45 12.85
CA GLU M 21 1.62 -28.29 13.56
C GLU M 21 2.52 -27.38 14.40
N VAL M 22 2.27 -27.38 15.70
CA VAL M 22 2.98 -26.53 16.67
C VAL M 22 4.04 -27.32 17.39
N THR M 23 5.21 -26.73 17.56
CA THR M 23 6.25 -27.31 18.42
C THR M 23 6.12 -26.77 19.86
N VAL M 24 5.98 -27.67 20.81
CA VAL M 24 5.84 -27.28 22.21
C VAL M 24 7.12 -27.63 22.97
N PHE M 25 7.75 -26.60 23.54
CA PHE M 25 8.95 -26.83 24.34
C PHE M 25 8.53 -26.88 25.78
N PHE M 26 9.04 -27.86 26.50
CA PHE M 26 8.71 -28.02 27.89
C PHE M 26 9.79 -27.32 28.73
N LEU M 27 9.43 -26.99 29.96
CA LEU M 27 10.35 -26.40 30.91
C LEU M 27 11.65 -27.19 31.09
N ASN M 28 11.57 -28.51 31.00
CA ASN M 28 12.74 -29.36 31.20
C ASN M 28 13.53 -29.61 29.91
N GLY M 29 13.15 -28.94 28.83
CA GLY M 29 13.87 -29.07 27.57
C GLY M 29 13.25 -29.99 26.52
N PHE M 30 12.40 -30.90 26.97
CA PHE M 30 11.66 -31.76 26.05
C PHE M 30 10.85 -30.91 25.04
N GLN M 31 10.64 -31.44 23.84
CA GLN M 31 9.79 -30.78 22.86
C GLN M 31 9.01 -31.80 22.07
N MET M 32 7.77 -31.45 21.71
CA MET M 32 6.89 -32.31 20.93
C MET M 32 6.26 -31.54 19.77
N LYS M 33 6.20 -32.14 18.58
CA LYS M 33 5.45 -31.55 17.47
C LYS M 33 4.05 -32.14 17.49
N GLY M 34 3.03 -31.34 17.19
CA GLY M 34 1.69 -31.89 17.11
C GLY M 34 0.65 -30.82 16.95
N VAL M 35 -0.60 -31.25 16.90
CA VAL M 35 -1.70 -30.37 16.59
C VAL M 35 -2.53 -30.16 17.82
N ILE M 36 -2.93 -28.93 18.06
CA ILE M 36 -3.72 -28.67 19.24
C ILE M 36 -5.16 -29.02 18.97
N GLU M 37 -5.70 -30.03 19.64
CA GLU M 37 -7.09 -30.41 19.40
C GLU M 37 -8.08 -29.69 20.30
N GLU M 38 -7.62 -29.27 21.47
CA GLU M 38 -8.48 -28.63 22.45
C GLU M 38 -7.59 -28.05 23.52
N TYR M 39 -8.13 -27.14 24.31
CA TYR M 39 -7.37 -26.52 25.38
C TYR M 39 -8.38 -25.86 26.29
N ASP M 40 -7.97 -25.63 27.53
CA ASP M 40 -8.81 -24.86 28.44
C ASP M 40 -7.89 -24.03 29.32
N LYS M 41 -8.34 -23.68 30.51
CA LYS M 41 -7.54 -22.78 31.32
C LYS M 41 -6.21 -23.40 31.75
N TYR M 42 -6.21 -24.72 31.96
CA TYR M 42 -5.05 -25.41 32.55
C TYR M 42 -4.29 -26.36 31.64
N VAL M 43 -4.94 -26.89 30.61
CA VAL M 43 -4.29 -27.92 29.82
C VAL M 43 -4.43 -27.66 28.33
N VAL M 44 -3.60 -28.36 27.57
CA VAL M 44 -3.69 -28.38 26.14
C VAL M 44 -3.75 -29.83 25.68
N SER M 45 -4.66 -30.13 24.75
CA SER M 45 -4.71 -31.50 24.24
C SER M 45 -3.97 -31.50 22.93
N LEU M 46 -2.90 -32.28 22.86
CA LEU M 46 -1.98 -32.21 21.72
C LEU M 46 -1.87 -33.56 21.03
N ASN M 47 -2.19 -33.61 19.74
CA ASN M 47 -2.10 -34.84 18.95
C ASN M 47 -0.77 -34.95 18.24
N SER M 48 0.04 -35.93 18.64
CA SER M 48 1.41 -36.04 18.17
C SER M 48 1.72 -37.47 17.79
N GLN M 49 1.73 -37.75 16.49
CA GLN M 49 1.92 -39.11 15.99
C GLN M 49 0.70 -39.99 16.21
N GLY M 50 -0.47 -39.48 15.87
CA GLY M 50 -1.72 -40.22 16.03
C GLY M 50 -2.16 -40.43 17.47
N LYS M 51 -1.30 -40.09 18.42
CA LYS M 51 -1.60 -40.31 19.84
C LYS M 51 -1.81 -39.00 20.59
N GLN M 52 -2.82 -38.97 21.46
CA GLN M 52 -3.18 -37.77 22.17
C GLN M 52 -2.37 -37.56 23.46
N HIS M 53 -2.14 -36.29 23.78
CA HIS M 53 -1.42 -35.94 25.02
C HIS M 53 -2.19 -34.84 25.74
N LEU M 54 -2.45 -35.07 27.01
CA LEU M 54 -3.06 -34.06 27.84
C LEU M 54 -1.90 -33.41 28.59
N ILE M 55 -1.66 -32.13 28.33
CA ILE M 55 -0.48 -31.44 28.87
C ILE M 55 -0.87 -30.27 29.76
N TYR M 56 -0.23 -30.15 30.93
CA TYR M 56 -0.48 -28.99 31.77
C TYR M 56 0.29 -27.79 31.24
N LYS M 57 -0.38 -26.65 31.14
CA LYS M 57 0.33 -25.43 30.78
C LYS M 57 1.53 -25.19 31.69
N HIS M 58 1.41 -25.51 33.00
CA HIS M 58 2.53 -25.25 33.93
C HIS M 58 3.82 -25.94 33.50
N ALA M 59 3.72 -26.95 32.65
CA ALA M 59 4.92 -27.69 32.23
C ALA M 59 5.47 -27.15 30.91
N ILE M 60 4.74 -26.22 30.32
CA ILE M 60 5.10 -25.74 28.98
C ILE M 60 5.91 -24.45 29.06
N SER M 61 6.94 -24.35 28.24
CA SER M 61 7.76 -23.15 28.15
C SER M 61 7.29 -22.20 27.03
N THR M 62 7.20 -22.74 25.81
CA THR M 62 7.05 -21.97 24.58
C THR M 62 6.34 -22.80 23.49
N TYR M 63 5.46 -22.16 22.75
CA TYR M 63 4.92 -22.72 21.51
C TYR M 63 5.60 -22.06 20.32
N THR M 64 6.00 -22.84 19.33
CA THR M 64 6.54 -22.31 18.08
C THR M 64 5.94 -22.99 16.85
N VAL M 65 5.94 -22.29 15.72
CA VAL M 65 5.52 -22.93 14.47
C VAL M 65 6.76 -23.21 13.62
N GLU M 66 7.17 -24.49 13.64
CA GLU M 66 8.34 -24.96 12.93
C GLU M 66 9.62 -24.70 13.71
N ASN N 6 1.39 -1.78 37.22
CA ASN N 6 2.52 -0.92 37.50
C ASN N 6 3.74 -1.34 36.68
N ILE N 7 4.79 -1.81 37.35
CA ILE N 7 6.11 -1.91 36.72
C ILE N 7 6.22 -2.88 35.54
N GLN N 8 5.73 -4.11 35.72
CA GLN N 8 5.80 -5.11 34.65
C GLN N 8 5.18 -4.60 33.36
N ASP N 9 3.98 -4.07 33.47
CA ASP N 9 3.23 -3.67 32.30
C ASP N 9 3.83 -2.43 31.65
N LYS N 10 4.40 -1.53 32.44
CA LYS N 10 5.08 -0.38 31.84
C LYS N 10 6.28 -0.87 31.07
N ALA N 11 7.00 -1.83 31.62
CA ALA N 11 8.18 -2.35 30.95
C ALA N 11 7.84 -3.05 29.64
N LEU N 12 6.92 -4.02 29.70
CA LEU N 12 6.47 -4.72 28.50
C LEU N 12 5.87 -3.79 27.44
N GLU N 13 5.10 -2.80 27.88
CA GLU N 13 4.56 -1.81 26.96
C GLU N 13 5.69 -1.03 26.32
N ASN N 14 6.71 -0.68 27.11
CA ASN N 14 7.88 0.00 26.59
C ASN N 14 8.62 -0.80 25.52
N PHE N 15 8.86 -2.08 25.80
CA PHE N 15 9.56 -2.94 24.84
C PHE N 15 8.75 -3.04 23.57
N LYS N 16 7.43 -3.17 23.71
CA LYS N 16 6.54 -3.33 22.57
C LYS N 16 6.46 -2.04 21.74
N ALA N 17 6.30 -0.92 22.44
CA ALA N 17 6.19 0.39 21.81
C ALA N 17 7.43 0.69 20.99
N ASN N 18 8.60 0.43 21.59
CA ASN N 18 9.88 0.74 20.97
C ASN N 18 10.47 -0.35 20.08
N GLN N 19 9.83 -1.52 20.07
CA GLN N 19 10.33 -2.63 19.27
C GLN N 19 11.75 -2.97 19.64
N THR N 20 12.03 -2.84 20.94
CA THR N 20 13.32 -3.14 21.52
C THR N 20 13.73 -4.60 21.32
N GLU N 21 14.99 -4.82 20.99
CA GLU N 21 15.54 -6.16 20.92
C GLU N 21 15.94 -6.65 22.34
N VAL N 22 14.97 -7.29 23.01
CA VAL N 22 15.12 -7.79 24.38
C VAL N 22 15.67 -9.21 24.46
N THR N 23 16.61 -9.43 25.37
CA THR N 23 17.06 -10.79 25.66
C THR N 23 16.24 -11.39 26.79
N VAL N 24 15.67 -12.57 26.56
CA VAL N 24 14.85 -13.25 27.54
C VAL N 24 15.59 -14.48 28.07
N PHE N 25 15.93 -14.47 29.36
CA PHE N 25 16.51 -15.64 30.02
C PHE N 25 15.39 -16.47 30.59
N PHE N 26 15.47 -17.78 30.36
CA PHE N 26 14.48 -18.71 30.88
C PHE N 26 14.96 -19.30 32.21
N LEU N 27 14.01 -19.78 33.01
CA LEU N 27 14.30 -20.43 34.28
C LEU N 27 15.31 -21.57 34.11
N ASN N 28 15.35 -22.16 32.93
CA ASN N 28 16.19 -23.33 32.71
C ASN N 28 17.55 -23.00 32.15
N GLY N 29 17.80 -21.71 31.91
CA GLY N 29 19.10 -21.26 31.44
C GLY N 29 19.06 -20.76 30.00
N PHE N 30 18.17 -21.35 29.21
CA PHE N 30 17.95 -20.91 27.84
C PHE N 30 17.80 -19.37 27.73
N GLN N 31 18.38 -18.79 26.69
CA GLN N 31 18.09 -17.38 26.41
C GLN N 31 17.76 -17.21 24.95
N MET N 32 16.81 -16.34 24.67
CA MET N 32 16.59 -15.94 23.29
C MET N 32 16.47 -14.43 23.14
N LYS N 33 16.81 -13.94 21.95
CA LYS N 33 16.76 -12.52 21.65
C LYS N 33 15.67 -12.27 20.62
N GLY N 34 14.85 -11.25 20.85
CA GLY N 34 13.81 -10.90 19.90
C GLY N 34 13.08 -9.63 20.27
N VAL N 35 11.88 -9.52 19.70
CA VAL N 35 11.06 -8.33 19.85
C VAL N 35 9.71 -8.70 20.39
N ILE N 36 9.25 -7.99 21.41
CA ILE N 36 7.96 -8.30 21.98
C ILE N 36 6.89 -7.67 21.12
N GLU N 37 6.13 -8.51 20.42
CA GLU N 37 5.02 -8.05 19.61
C GLU N 37 3.74 -7.83 20.41
N GLU N 38 3.54 -8.64 21.44
CA GLU N 38 2.31 -8.64 22.21
C GLU N 38 2.51 -9.39 23.53
N TYR N 39 1.61 -9.18 24.48
CA TYR N 39 1.78 -9.77 25.79
C TYR N 39 0.46 -9.64 26.51
N ASP N 40 0.17 -10.59 27.39
CA ASP N 40 -0.99 -10.45 28.24
C ASP N 40 -0.63 -10.94 29.63
N LYS N 41 -1.64 -11.23 30.43
CA LYS N 41 -1.39 -11.62 31.81
C LYS N 41 -0.45 -12.84 31.92
N TYR N 42 -0.55 -13.80 30.98
CA TYR N 42 0.19 -15.07 31.10
C TYR N 42 1.30 -15.30 30.09
N VAL N 43 1.27 -14.60 28.97
CA VAL N 43 2.23 -14.88 27.91
C VAL N 43 2.82 -13.63 27.28
N VAL N 44 3.93 -13.88 26.59
CA VAL N 44 4.64 -12.88 25.84
C VAL N 44 4.84 -13.44 24.43
N SER N 45 4.50 -12.67 23.41
CA SER N 45 4.76 -13.13 22.05
C SER N 45 6.06 -12.51 21.57
N LEU N 46 7.03 -13.37 21.24
CA LEU N 46 8.39 -12.91 20.98
C LEU N 46 8.85 -13.25 19.57
N ASN N 47 9.19 -12.19 18.82
CA ASN N 47 9.63 -12.32 17.43
C ASN N 47 11.14 -12.43 17.38
N SER N 48 11.62 -13.62 17.10
CA SER N 48 13.03 -13.95 17.26
C SER N 48 13.54 -14.73 16.07
N GLN N 49 14.56 -14.21 15.41
CA GLN N 49 15.10 -14.85 14.21
C GLN N 49 14.01 -15.03 13.16
N GLY N 50 13.24 -13.97 12.93
CA GLY N 50 12.13 -14.00 11.98
C GLY N 50 10.94 -14.85 12.39
N LYS N 51 11.12 -15.67 13.42
CA LYS N 51 10.10 -16.65 13.80
C LYS N 51 9.36 -16.22 15.08
N GLN N 52 8.08 -16.56 15.16
CA GLN N 52 7.28 -16.17 16.31
C GLN N 52 7.31 -17.22 17.44
N HIS N 53 7.37 -16.74 18.68
CA HIS N 53 7.33 -17.64 19.83
C HIS N 53 6.33 -17.16 20.85
N LEU N 54 5.43 -18.04 21.25
CA LEU N 54 4.51 -17.71 22.32
C LEU N 54 5.03 -18.36 23.58
N ILE N 55 5.42 -17.52 24.55
CA ILE N 55 6.14 -17.98 25.75
C ILE N 55 5.35 -17.71 27.03
N TYR N 56 5.28 -18.69 27.93
CA TYR N 56 4.60 -18.46 29.20
C TYR N 56 5.50 -17.66 30.15
N LYS N 57 4.92 -16.67 30.81
CA LYS N 57 5.68 -15.92 31.80
C LYS N 57 6.25 -16.83 32.90
N HIS N 58 5.55 -17.91 33.26
CA HIS N 58 6.07 -18.82 34.28
C HIS N 58 7.41 -19.44 33.88
N ALA N 59 7.72 -19.40 32.59
CA ALA N 59 8.98 -19.99 32.11
C ALA N 59 10.15 -18.99 32.13
N ILE N 60 9.82 -17.71 32.29
CA ILE N 60 10.83 -16.64 32.13
C ILE N 60 11.48 -16.21 33.45
N SER N 61 12.81 -16.11 33.45
CA SER N 61 13.53 -15.62 34.62
C SER N 61 13.70 -14.07 34.60
N THR N 62 14.29 -13.56 33.52
CA THR N 62 14.53 -12.12 33.42
C THR N 62 14.63 -11.56 31.97
N TYR N 63 14.20 -10.32 31.80
CA TYR N 63 14.35 -9.61 30.53
C TYR N 63 15.52 -8.64 30.66
N THR N 64 16.35 -8.56 29.63
CA THR N 64 17.40 -7.56 29.63
C THR N 64 17.60 -6.91 28.25
N VAL N 65 18.03 -5.67 28.28
CA VAL N 65 18.34 -4.95 27.04
C VAL N 65 19.84 -5.05 26.77
N GLU N 66 20.20 -5.94 25.85
CA GLU N 66 21.57 -6.11 25.40
C GLU N 66 22.53 -6.62 26.48
#